data_8VEX
#
_entry.id   8VEX
#
_cell.length_a   99.470
_cell.length_b   136.350
_cell.length_c   177.690
_cell.angle_alpha   90.00
_cell.angle_beta   90.00
_cell.angle_gamma   90.00
#
_symmetry.space_group_name_H-M   'I 2 2 2'
#
loop_
_entity.id
_entity.type
_entity.pdbx_description
1 polymer 'Protein arginine N-methyltransferase 5'
2 polymer 'Methylosome protein 50'
3 non-polymer "5'-DEOXY-5'-METHYLTHIOADENOSINE"
4 non-polymer N-(6-amino-5-methylpyridin-3-yl)-2-[(2R,5S)-2-(4-hydroxyphenyl)-5-methylpiperidin-1-yl]-2-oxoacetamide
5 non-polymer 'CHLORIDE ION'
6 non-polymer GLYCEROL
7 water water
#
loop_
_entity_poly.entity_id
_entity_poly.type
_entity_poly.pdbx_seq_one_letter_code
_entity_poly.pdbx_strand_id
1 'polypeptide(L)'
;MDYKDDDDKAAMAVGGAGGSRVSSGRDLNCVPEIADTLGAVAKQGFDFLCMPVFHPRFKREFIQEPAKNRPGPQTRSDLL
LSGRDWNTLIVGKLSPWIRPDSKVEKIRRNSEAAMLQELNFGAYLGLPAFLLPLNQEDNTNLARVLTNHIHTGHHSSMFW
MRVPLVAPEDLRDDIIENAPTTHTEEYSGEEKTWMWWHNFRTLCDYSKRIAVALEIGADLPSNHVIDRWLGEPIKAAILP
TSIFLTNKKGFPVLSKMHQRLIFRLLKLEVQFIITGTNHHSEKEFCSYLQYLEYLSQNRPPPNAYELFAKGYEDYLQSPL
QPLMDNLESQTYEVFEKDPIKYSQYQQAIYKCLLDRVPEEEKDTNVQVLMVLGAGRGPLVNASLRAAKQADRRIKLYAVE
KNPNAVVTLENWQFEEWGSQVTVVSSDMREWVAPEKADIIVSELLGSFADNELSPECLDGAQHFLKDDGVSIPGEYTSFL
APISSSKLYNEVRACREKDRDPEAQFEMPYVVRLHNFHQLSAPQPCFTFSHPNRDPMIDNNRYCTLEFPVEVNTVLHGFA
GYFETVLYQDITLSIRPETHSPGMFSWFPILFPIKQPITVREGQTICVRFWRCSNSKKVWYEWAVTAPVCSAIHNPTGRS
YTIGL
;
A
2 'polypeptide(L)'
;MHHHHHHHHRKETPPPLVPPAAREWNLPPNAPACMERQLEAARYRSDGALLLGASSLSGRCWAGSLWLFKDPCAAPNEGF
CSAGVQTEAGVADLTWVGERGILVASDSGAVELWELDENETLIVSKFCKYEHDDIVSTVSVLSSGTQAVSGSKDICIKVW
DLAQQVVLSSYRAHAAQVTCVAASPHKDSVFLSCSEDNRILLWDTRCPKPASQIGCSAPGYLPTSLAWHPQQSEVFVFGD
ENGTVSLVDTKSTSCVLSSAVHSQCVTGLVFSPHSVPFLASLSEDCSLAVLDSSLSELFRSQAHRDFVRDATWSPLNHSL
LTTVGWDHQVVHHVVPTEPLPAPGPASVTE
;
B
#
loop_
_chem_comp.id
_chem_comp.type
_chem_comp.name
_chem_comp.formula
A1AAR non-polymer N-(6-amino-5-methylpyridin-3-yl)-2-[(2R,5S)-2-(4-hydroxyphenyl)-5-methylpiperidin-1-yl]-2-oxoacetamide 'C20 H24 N4 O3'
CL non-polymer 'CHLORIDE ION' 'Cl -1'
GOL non-polymer GLYCEROL 'C3 H8 O3'
MTA non-polymer 5'-DEOXY-5'-METHYLTHIOADENOSINE 'C11 H15 N5 O3 S'
#
# COMPACT_ATOMS: atom_id res chain seq x y z
N ARG A 21 -0.76 -17.42 12.09
CA ARG A 21 -0.01 -16.27 12.65
C ARG A 21 0.05 -15.14 11.62
N VAL A 22 0.44 -13.94 12.04
CA VAL A 22 0.51 -12.73 11.18
C VAL A 22 1.99 -12.33 11.02
N SER A 23 2.38 -11.93 9.81
CA SER A 23 3.69 -11.29 9.50
C SER A 23 3.59 -9.81 9.86
N SER A 24 4.32 -9.40 10.90
CA SER A 24 4.19 -8.07 11.54
C SER A 24 5.54 -7.36 11.56
N GLY A 25 5.55 -6.07 11.22
CA GLY A 25 6.74 -5.21 11.25
C GLY A 25 6.51 -3.96 12.07
N ARG A 26 7.55 -3.47 12.75
CA ARG A 26 7.58 -2.19 13.51
C ARG A 26 8.19 -1.10 12.62
N ASP A 27 7.49 0.04 12.47
CA ASP A 27 7.98 1.26 11.77
C ASP A 27 8.53 2.22 12.83
N LEU A 28 9.84 2.50 12.78
CA LEU A 28 10.51 3.54 13.62
C LEU A 28 11.11 4.59 12.68
N ASN A 29 11.32 5.80 13.20
CA ASN A 29 12.06 6.90 12.53
C ASN A 29 13.19 7.36 13.46
N CYS A 30 13.32 6.70 14.62
CA CYS A 30 14.36 6.95 15.66
C CYS A 30 15.03 5.61 16.01
N VAL A 31 16.32 5.49 15.68
CA VAL A 31 17.12 4.26 15.92
C VAL A 31 18.45 4.71 16.55
N PRO A 32 18.56 4.76 17.90
CA PRO A 32 19.80 5.21 18.53
C PRO A 32 20.89 4.17 18.20
N GLU A 33 20.75 2.95 18.75
CA GLU A 33 21.68 1.80 18.56
C GLU A 33 20.96 0.68 17.78
N ILE A 34 21.26 0.53 16.48
CA ILE A 34 20.60 -0.45 15.56
C ILE A 34 20.65 -1.89 16.10
N ALA A 35 21.75 -2.27 16.76
CA ALA A 35 21.91 -3.57 17.48
C ALA A 35 20.81 -3.73 18.52
N ASP A 36 20.62 -2.73 19.39
CA ASP A 36 19.64 -2.72 20.53
C ASP A 36 18.21 -2.64 20.00
N THR A 37 17.93 -1.66 19.14
CA THR A 37 16.58 -1.38 18.57
C THR A 37 16.03 -2.70 17.98
N LEU A 38 16.75 -3.29 17.03
CA LEU A 38 16.38 -4.57 16.37
C LEU A 38 16.31 -5.69 17.41
N GLY A 39 17.12 -5.61 18.47
CA GLY A 39 17.06 -6.54 19.62
C GLY A 39 15.75 -6.41 20.36
N ALA A 40 15.22 -5.18 20.48
CA ALA A 40 13.97 -4.88 21.20
C ALA A 40 12.76 -5.29 20.35
N VAL A 41 12.70 -4.88 19.07
CA VAL A 41 11.51 -5.15 18.19
C VAL A 41 11.31 -6.67 18.13
N ALA A 42 12.41 -7.42 18.07
CA ALA A 42 12.43 -8.90 17.99
C ALA A 42 11.72 -9.48 19.23
N LYS A 43 12.10 -9.02 20.42
CA LYS A 43 11.56 -9.53 21.72
C LYS A 43 10.09 -9.12 21.85
N GLN A 44 9.75 -7.90 21.43
CA GLN A 44 8.35 -7.39 21.38
C GLN A 44 7.50 -8.42 20.61
N GLY A 45 8.01 -8.89 19.45
CA GLY A 45 7.43 -10.00 18.67
C GLY A 45 7.24 -9.67 17.20
N PHE A 46 8.02 -8.75 16.65
CA PHE A 46 7.94 -8.33 15.23
C PHE A 46 8.83 -9.23 14.37
N ASP A 47 8.45 -9.43 13.11
CA ASP A 47 9.17 -10.28 12.12
C ASP A 47 10.25 -9.45 11.42
N PHE A 48 10.01 -8.15 11.25
CA PHE A 48 10.98 -7.24 10.60
C PHE A 48 10.88 -5.84 11.20
N LEU A 49 11.69 -4.92 10.68
CA LEU A 49 11.81 -3.51 11.13
C LEU A 49 11.97 -2.59 9.91
N CYS A 50 11.10 -1.58 9.80
CA CYS A 50 11.27 -0.41 8.89
C CYS A 50 12.04 0.67 9.65
N MET A 51 13.16 1.14 9.11
CA MET A 51 13.98 2.20 9.74
C MET A 51 14.61 3.05 8.64
N PRO A 52 14.99 4.31 8.96
CA PRO A 52 15.63 5.20 8.01
C PRO A 52 17.08 4.74 7.90
N VAL A 53 17.59 4.71 6.67
CA VAL A 53 18.90 4.07 6.40
C VAL A 53 20.00 5.08 6.72
N PHE A 54 19.79 6.34 6.33
CA PHE A 54 20.50 7.55 6.82
C PHE A 54 19.63 8.18 7.89
N HIS A 55 20.20 9.00 8.79
CA HIS A 55 19.43 9.75 9.83
C HIS A 55 18.42 10.68 9.14
N PRO A 56 17.16 10.74 9.60
CA PRO A 56 16.08 11.40 8.87
C PRO A 56 16.22 12.93 8.84
N ARG A 57 16.79 13.52 9.89
CA ARG A 57 16.95 14.99 10.03
C ARG A 57 18.28 15.49 9.43
N PHE A 58 19.18 14.57 9.02
CA PHE A 58 20.55 14.86 8.53
C PHE A 58 20.55 15.22 7.05
N LYS A 59 20.00 16.38 6.69
CA LYS A 59 19.97 16.83 5.29
C LYS A 59 21.42 16.89 4.79
N ARG A 60 21.60 16.78 3.47
CA ARG A 60 22.92 16.67 2.79
C ARG A 60 22.89 17.55 1.54
N GLU A 61 24.01 18.20 1.20
CA GLU A 61 24.13 19.05 -0.01
C GLU A 61 25.00 18.32 -1.04
N PHE A 62 24.68 18.45 -2.33
CA PHE A 62 25.37 17.76 -3.44
C PHE A 62 25.86 18.76 -4.49
N ILE A 63 25.48 20.04 -4.42
CA ILE A 63 25.81 21.04 -5.48
C ILE A 63 26.63 22.19 -4.90
N GLN A 64 26.12 22.88 -3.87
CA GLN A 64 26.63 24.20 -3.41
C GLN A 64 27.67 24.04 -2.30
N GLU A 65 28.86 24.62 -2.50
CA GLU A 65 29.93 24.66 -1.47
C GLU A 65 29.50 25.63 -0.37
N PRO A 66 29.83 25.41 0.92
CA PRO A 66 30.74 24.35 1.36
C PRO A 66 30.15 23.06 1.97
N ALA A 67 28.83 22.86 1.88
CA ALA A 67 28.12 21.79 2.63
C ALA A 67 28.34 20.41 1.97
N LYS A 68 28.48 20.37 0.64
CA LYS A 68 28.73 19.13 -0.15
C LYS A 68 30.01 18.44 0.34
N ASN A 69 31.03 19.21 0.75
CA ASN A 69 32.35 18.65 1.15
C ASN A 69 32.30 18.23 2.63
N ARG A 70 31.09 18.00 3.16
CA ARG A 70 30.89 17.53 4.56
C ARG A 70 31.68 16.24 4.76
N PRO A 71 32.62 16.22 5.74
CA PRO A 71 33.32 15.00 6.12
C PRO A 71 32.33 13.87 6.42
N GLY A 72 32.65 12.64 6.01
CA GLY A 72 31.88 11.43 6.35
C GLY A 72 32.28 10.92 7.74
N PRO A 73 31.73 9.77 8.21
CA PRO A 73 30.82 8.94 7.42
C PRO A 73 29.41 9.54 7.27
N GLN A 74 28.76 9.39 6.12
CA GLN A 74 27.37 9.89 5.88
C GLN A 74 26.38 9.08 6.72
N THR A 75 26.67 7.83 7.06
CA THR A 75 25.71 6.90 7.72
C THR A 75 26.45 5.89 8.61
N ARG A 76 25.70 5.22 9.50
CA ARG A 76 26.15 4.01 10.22
C ARG A 76 26.66 2.98 9.20
N SER A 77 27.55 2.07 9.64
CA SER A 77 28.26 1.05 8.81
C SER A 77 27.35 -0.16 8.51
N ASP A 78 27.64 -0.83 7.39
CA ASP A 78 26.94 -2.08 6.95
C ASP A 78 27.31 -3.26 7.86
N LEU A 79 28.52 -3.25 8.43
CA LEU A 79 29.06 -4.35 9.29
C LEU A 79 28.31 -4.48 10.61
N LEU A 80 27.39 -3.55 10.90
CA LEU A 80 26.65 -3.50 12.20
C LEU A 80 25.65 -4.66 12.29
N LEU A 81 25.26 -5.25 11.15
CA LEU A 81 24.39 -6.45 11.10
C LEU A 81 24.95 -7.46 10.09
N SER A 82 24.59 -8.74 10.25
CA SER A 82 24.90 -9.80 9.27
C SER A 82 24.17 -9.47 7.95
N GLY A 83 24.80 -9.78 6.82
CA GLY A 83 24.13 -9.74 5.50
C GLY A 83 22.76 -10.39 5.52
N ARG A 84 22.60 -11.48 6.30
CA ARG A 84 21.30 -12.21 6.48
C ARG A 84 20.28 -11.24 7.08
N ASP A 85 20.66 -10.58 8.17
CA ASP A 85 19.79 -9.61 8.86
C ASP A 85 19.38 -8.52 7.87
N TRP A 86 20.30 -7.95 7.10
CA TRP A 86 19.94 -6.95 6.06
C TRP A 86 18.98 -7.54 5.03
N ASN A 87 19.16 -8.81 4.67
CA ASN A 87 18.38 -9.49 3.60
C ASN A 87 17.00 -9.89 4.14
N THR A 88 16.86 -10.11 5.45
CA THR A 88 15.63 -10.71 6.06
C THR A 88 14.87 -9.70 6.92
N LEU A 89 15.54 -8.84 7.69
CA LEU A 89 14.90 -8.10 8.83
C LEU A 89 14.68 -6.61 8.54
N ILE A 90 15.46 -5.98 7.66
CA ILE A 90 15.48 -4.49 7.57
C ILE A 90 14.76 -4.04 6.29
N VAL A 91 13.69 -3.25 6.46
CA VAL A 91 13.02 -2.47 5.37
C VAL A 91 13.50 -1.02 5.47
N GLY A 92 14.03 -0.51 4.35
CA GLY A 92 14.65 0.83 4.29
C GLY A 92 13.59 1.86 4.02
N LYS A 93 13.76 3.06 4.58
CA LYS A 93 12.82 4.20 4.44
C LYS A 93 13.57 5.38 3.81
N LEU A 94 13.02 5.96 2.75
CA LEU A 94 13.53 7.22 2.15
C LEU A 94 13.51 8.29 3.24
N SER A 95 14.58 9.06 3.43
CA SER A 95 14.64 10.11 4.48
C SER A 95 13.51 11.10 4.17
N PRO A 96 12.78 11.58 5.21
CA PRO A 96 11.62 12.47 5.02
C PRO A 96 11.98 13.86 4.44
N TRP A 97 13.24 14.27 4.48
CA TRP A 97 13.65 15.62 4.00
C TRP A 97 13.74 15.67 2.47
N ILE A 98 13.71 14.51 1.79
CA ILE A 98 13.95 14.39 0.31
C ILE A 98 12.66 14.71 -0.44
N ARG A 99 12.71 15.67 -1.35
CA ARG A 99 11.51 16.28 -1.98
C ARG A 99 11.77 16.41 -3.49
N PRO A 100 11.79 15.30 -4.23
CA PRO A 100 12.14 15.32 -5.64
C PRO A 100 11.17 16.10 -6.52
N ASP A 101 9.93 16.33 -6.04
CA ASP A 101 8.90 17.11 -6.77
C ASP A 101 8.74 18.51 -6.17
N SER A 102 9.76 19.05 -5.51
CA SER A 102 9.78 20.46 -5.04
C SER A 102 9.53 21.40 -6.22
N LYS A 103 9.04 22.59 -5.92
CA LYS A 103 8.85 23.68 -6.92
C LYS A 103 10.20 24.37 -7.13
N VAL A 104 11.11 24.23 -6.15
CA VAL A 104 12.43 24.93 -6.11
C VAL A 104 13.50 24.06 -6.81
N GLU A 105 13.99 24.51 -7.97
CA GLU A 105 14.99 23.82 -8.83
C GLU A 105 16.07 23.21 -7.93
N LYS A 106 16.74 24.04 -7.13
CA LYS A 106 17.89 23.63 -6.30
C LYS A 106 17.48 22.48 -5.37
N ILE A 107 16.31 22.52 -4.75
CA ILE A 107 15.86 21.46 -3.82
C ILE A 107 15.60 20.17 -4.62
N ARG A 108 15.04 20.31 -5.84
CA ARG A 108 14.83 19.16 -6.77
C ARG A 108 16.17 18.46 -6.93
N ARG A 109 17.12 19.13 -7.61
CA ARG A 109 18.45 18.58 -7.98
C ARG A 109 19.05 17.87 -6.76
N ASN A 110 19.06 18.56 -5.62
CA ASN A 110 19.62 18.02 -4.36
C ASN A 110 18.87 16.76 -3.94
N SER A 111 17.54 16.77 -4.00
CA SER A 111 16.65 15.64 -3.59
C SER A 111 16.84 14.43 -4.51
N GLU A 112 16.99 14.67 -5.81
CA GLU A 112 17.28 13.65 -6.84
C GLU A 112 18.50 12.83 -6.42
N ALA A 113 19.63 13.50 -6.21
CA ALA A 113 20.93 12.93 -5.80
C ALA A 113 20.77 12.17 -4.47
N ALA A 114 20.21 12.82 -3.44
CA ALA A 114 19.93 12.20 -2.12
C ALA A 114 19.08 10.93 -2.27
N MET A 115 18.14 10.94 -3.21
CA MET A 115 17.13 9.87 -3.34
C MET A 115 17.81 8.62 -3.89
N LEU A 116 18.55 8.78 -5.00
CA LEU A 116 19.40 7.71 -5.59
C LEU A 116 20.36 7.22 -4.51
N GLN A 117 21.11 8.12 -3.87
CA GLN A 117 22.06 7.80 -2.77
C GLN A 117 21.40 6.82 -1.79
N GLU A 118 20.19 7.12 -1.33
CA GLU A 118 19.50 6.33 -0.27
C GLU A 118 19.01 5.01 -0.89
N LEU A 119 18.46 5.06 -2.11
CA LEU A 119 18.04 3.86 -2.89
C LEU A 119 19.23 2.92 -3.13
N ASN A 120 20.33 3.47 -3.64
CA ASN A 120 21.57 2.73 -3.97
C ASN A 120 22.14 2.14 -2.69
N PHE A 121 22.15 2.87 -1.58
CA PHE A 121 22.68 2.29 -0.32
C PHE A 121 21.76 1.13 0.08
N GLY A 122 20.47 1.29 -0.13
CA GLY A 122 19.49 0.23 0.19
C GLY A 122 19.82 -1.07 -0.52
N ALA A 123 20.14 -0.96 -1.81
CA ALA A 123 20.45 -2.08 -2.71
C ALA A 123 21.82 -2.68 -2.39
N TYR A 124 22.73 -1.84 -1.89
CA TYR A 124 24.09 -2.25 -1.43
C TYR A 124 23.92 -3.25 -0.28
N LEU A 125 22.97 -2.96 0.63
CA LEU A 125 22.71 -3.78 1.86
C LEU A 125 21.85 -5.00 1.50
N GLY A 126 21.31 -5.06 0.28
CA GLY A 126 20.46 -6.17 -0.19
C GLY A 126 19.19 -6.27 0.64
N LEU A 127 18.53 -5.13 0.85
CA LEU A 127 17.33 -4.96 1.70
C LEU A 127 16.08 -5.47 0.98
N PRO A 128 15.28 -6.34 1.65
CA PRO A 128 14.12 -6.94 1.02
C PRO A 128 13.30 -5.90 0.24
N ALA A 129 12.98 -4.79 0.91
CA ALA A 129 12.15 -3.69 0.38
C ALA A 129 12.63 -2.36 0.93
N PHE A 130 12.26 -1.31 0.22
CA PHE A 130 12.53 0.11 0.55
C PHE A 130 11.21 0.89 0.45
N LEU A 131 10.96 1.79 1.42
CA LEU A 131 9.70 2.59 1.52
C LEU A 131 9.88 3.95 0.84
N LEU A 132 8.83 4.42 0.18
CA LEU A 132 8.74 5.80 -0.36
C LEU A 132 7.30 6.28 -0.19
N PRO A 133 7.09 7.56 0.20
CA PRO A 133 5.74 8.09 0.31
C PRO A 133 5.15 8.73 -0.96
N LEU A 134 3.88 8.41 -1.21
CA LEU A 134 2.92 9.31 -1.87
C LEU A 134 2.16 10.05 -0.75
N ASN A 135 2.25 11.38 -0.73
CA ASN A 135 1.43 12.20 0.21
C ASN A 135 1.15 13.55 -0.47
N GLN A 136 0.99 13.53 -1.80
CA GLN A 136 0.72 14.71 -2.64
C GLN A 136 0.27 14.21 -4.02
N GLU A 137 -0.38 15.06 -4.82
CA GLU A 137 -0.94 14.70 -6.16
C GLU A 137 0.16 14.55 -7.21
N ASP A 138 1.13 15.47 -7.29
CA ASP A 138 2.20 15.43 -8.33
C ASP A 138 3.47 14.76 -7.78
N ASN A 139 3.65 13.47 -8.08
CA ASN A 139 4.83 12.68 -7.67
C ASN A 139 5.62 12.23 -8.92
N THR A 140 5.56 13.02 -10.00
CA THR A 140 6.11 12.72 -11.34
C THR A 140 7.63 12.44 -11.25
N ASN A 141 8.44 13.45 -10.92
CA ASN A 141 9.92 13.33 -10.86
C ASN A 141 10.33 12.26 -9.85
N LEU A 142 9.55 12.00 -8.79
CA LEU A 142 9.81 10.87 -7.86
C LEU A 142 9.69 9.55 -8.63
N ALA A 143 8.63 9.38 -9.42
CA ALA A 143 8.45 8.17 -10.24
C ALA A 143 9.67 8.06 -11.15
N ARG A 144 10.01 9.16 -11.83
CA ARG A 144 11.10 9.24 -12.84
C ARG A 144 12.42 8.76 -12.25
N VAL A 145 12.75 9.24 -11.06
CA VAL A 145 14.01 8.87 -10.37
C VAL A 145 13.93 7.39 -10.01
N LEU A 146 12.87 6.96 -9.34
CA LEU A 146 12.72 5.51 -9.02
C LEU A 146 12.80 4.70 -10.31
N THR A 147 12.02 5.04 -11.33
CA THR A 147 11.97 4.27 -12.60
C THR A 147 13.38 4.10 -13.15
N ASN A 148 14.23 5.14 -13.03
CA ASN A 148 15.66 5.10 -13.43
C ASN A 148 16.42 4.08 -12.59
N HIS A 149 16.46 4.25 -11.28
CA HIS A 149 17.11 3.32 -10.30
C HIS A 149 16.75 1.87 -10.62
N ILE A 150 15.48 1.60 -10.90
CA ILE A 150 14.99 0.25 -11.26
C ILE A 150 15.67 -0.16 -12.57
N HIS A 151 15.47 0.62 -13.63
CA HIS A 151 15.94 0.31 -15.00
C HIS A 151 17.45 0.53 -15.10
N THR A 152 18.15 0.27 -13.98
CA THR A 152 19.60 0.36 -13.77
C THR A 152 20.02 -0.93 -13.05
N GLY A 153 20.34 -2.00 -13.80
CA GLY A 153 20.83 -3.26 -13.24
C GLY A 153 19.75 -4.04 -12.50
N HIS A 154 19.30 -5.16 -13.08
CA HIS A 154 18.23 -6.06 -12.55
C HIS A 154 18.61 -6.54 -11.14
N HIS A 155 17.76 -6.31 -10.12
CA HIS A 155 18.01 -6.64 -8.69
CA HIS A 155 18.02 -6.67 -8.69
C HIS A 155 16.69 -6.92 -7.97
N SER A 156 16.69 -7.90 -7.05
CA SER A 156 15.54 -8.37 -6.24
C SER A 156 15.01 -7.27 -5.30
N SER A 157 15.61 -6.08 -5.27
CA SER A 157 15.10 -4.93 -4.46
C SER A 157 13.60 -4.75 -4.76
N MET A 158 12.79 -4.55 -3.72
CA MET A 158 11.30 -4.32 -3.77
C MET A 158 11.01 -2.90 -3.24
N PHE A 159 10.00 -2.22 -3.79
CA PHE A 159 9.62 -0.83 -3.37
C PHE A 159 8.17 -0.78 -2.90
N TRP A 160 8.00 -0.44 -1.63
CA TRP A 160 6.70 -0.16 -0.95
C TRP A 160 6.40 1.34 -1.04
N MET A 161 5.49 1.75 -1.92
CA MET A 161 4.94 3.13 -1.94
C MET A 161 3.97 3.32 -0.75
N ARG A 162 4.26 4.26 0.15
CA ARG A 162 3.43 4.56 1.35
CA ARG A 162 3.41 4.53 1.33
C ARG A 162 2.31 5.52 0.93
N VAL A 163 1.09 4.97 0.80
CA VAL A 163 -0.12 5.69 0.34
C VAL A 163 -1.14 5.66 1.46
N PRO A 164 -1.68 6.84 1.82
CA PRO A 164 -2.69 6.97 2.86
C PRO A 164 -4.08 6.67 2.30
N LEU A 165 -4.90 5.97 3.08
CA LEU A 165 -6.27 5.59 2.67
C LEU A 165 -7.07 6.87 2.42
N VAL A 166 -6.83 7.88 3.26
CA VAL A 166 -7.42 9.25 3.26
C VAL A 166 -6.25 10.25 3.27
N ALA A 167 -6.29 11.27 2.40
CA ALA A 167 -5.28 12.34 2.30
C ALA A 167 -5.14 12.97 3.69
N PRO A 168 -3.93 13.41 4.12
CA PRO A 168 -3.82 14.26 5.32
C PRO A 168 -4.76 15.47 5.26
N GLU A 169 -4.81 16.10 4.08
CA GLU A 169 -5.55 17.36 3.80
C GLU A 169 -7.04 17.17 4.08
N ASP A 170 -7.56 15.96 3.85
CA ASP A 170 -9.01 15.65 3.97
C ASP A 170 -9.27 14.98 5.31
N LEU A 171 -8.26 14.91 6.19
CA LEU A 171 -8.41 14.28 7.53
C LEU A 171 -8.31 15.34 8.64
N ARG A 172 -7.81 16.53 8.28
CA ARG A 172 -7.44 17.61 9.22
C ARG A 172 -8.68 17.99 10.02
N ASP A 173 -8.47 18.46 11.24
CA ASP A 173 -9.52 19.04 12.12
C ASP A 173 -10.03 20.34 11.47
N ASP A 174 -11.34 20.58 11.56
CA ASP A 174 -12.03 21.75 10.95
C ASP A 174 -11.85 22.94 11.92
N ILE A 175 -10.60 23.35 12.14
CA ILE A 175 -10.18 24.35 13.17
C ILE A 175 -9.60 25.60 12.50
N ILE A 176 -9.42 25.59 11.18
CA ILE A 176 -8.88 26.74 10.40
C ILE A 176 -10.06 27.64 10.02
N GLU A 177 -10.06 28.86 10.55
CA GLU A 177 -11.25 29.74 10.61
C GLU A 177 -11.64 30.20 9.20
N ASN A 178 -10.68 30.36 8.27
CA ASN A 178 -10.89 30.99 6.93
C ASN A 178 -10.71 29.98 5.80
N ALA A 179 -10.28 28.74 6.08
CA ALA A 179 -10.22 27.62 5.11
C ALA A 179 -10.86 26.38 5.76
N PRO A 180 -12.21 26.29 5.80
CA PRO A 180 -12.89 25.20 6.49
C PRO A 180 -12.95 23.93 5.61
N THR A 181 -13.18 22.78 6.24
CA THR A 181 -13.36 21.46 5.58
C THR A 181 -14.77 21.37 5.01
N THR A 182 -14.92 21.28 3.68
CA THR A 182 -16.24 21.29 2.97
C THR A 182 -17.03 20.02 3.33
N HIS A 183 -18.25 20.20 3.87
CA HIS A 183 -19.21 19.15 4.32
C HIS A 183 -20.16 18.82 3.15
N THR A 184 -19.63 18.71 1.92
CA THR A 184 -20.39 18.44 0.67
C THR A 184 -19.87 17.12 0.07
N GLU A 185 -20.77 16.27 -0.46
CA GLU A 185 -20.50 14.87 -0.95
C GLU A 185 -19.45 14.90 -2.06
N GLU A 186 -18.21 14.45 -1.77
CA GLU A 186 -17.05 14.53 -2.69
C GLU A 186 -16.64 13.11 -3.15
N TYR A 187 -17.40 12.53 -4.09
CA TYR A 187 -17.26 11.11 -4.52
C TYR A 187 -15.85 10.84 -5.09
N SER A 188 -15.39 11.67 -6.03
CA SER A 188 -14.06 11.58 -6.70
C SER A 188 -12.98 12.15 -5.77
N GLY A 189 -13.28 13.26 -5.10
CA GLY A 189 -12.42 13.89 -4.08
C GLY A 189 -11.96 12.91 -3.01
N GLU A 190 -12.81 11.94 -2.62
CA GLU A 190 -12.50 10.95 -1.54
C GLU A 190 -11.69 9.76 -2.09
N GLU A 191 -11.54 9.69 -3.41
CA GLU A 191 -10.73 8.66 -4.12
C GLU A 191 -9.40 9.27 -4.54
N LYS A 192 -9.11 10.52 -4.19
CA LYS A 192 -7.97 11.27 -4.77
C LYS A 192 -6.67 10.49 -4.49
N THR A 193 -6.56 9.91 -3.30
CA THR A 193 -5.36 9.19 -2.80
C THR A 193 -5.03 8.03 -3.76
N TRP A 194 -6.03 7.31 -4.24
CA TRP A 194 -5.83 6.16 -5.15
C TRP A 194 -5.32 6.64 -6.50
N MET A 195 -5.86 7.75 -7.02
CA MET A 195 -5.40 8.36 -8.28
C MET A 195 -3.89 8.68 -8.19
N TRP A 196 -3.43 9.16 -7.03
CA TRP A 196 -1.98 9.37 -6.76
C TRP A 196 -1.22 8.10 -7.15
N TRP A 197 -1.57 6.99 -6.50
CA TRP A 197 -0.97 5.67 -6.82
C TRP A 197 -1.11 5.42 -8.31
N HIS A 198 -2.32 5.24 -8.80
CA HIS A 198 -2.60 4.93 -10.22
C HIS A 198 -1.60 5.70 -11.11
N ASN A 199 -1.54 7.02 -10.97
CA ASN A 199 -0.65 7.86 -11.82
C ASN A 199 0.79 7.38 -11.65
N PHE A 200 1.27 7.27 -10.41
CA PHE A 200 2.68 6.89 -10.09
C PHE A 200 2.91 5.54 -10.75
N ARG A 201 2.25 4.52 -10.25
CA ARG A 201 2.25 3.16 -10.82
C ARG A 201 2.35 3.22 -12.37
N THR A 202 1.49 3.98 -13.04
CA THR A 202 1.38 4.07 -14.53
C THR A 202 2.65 4.68 -15.16
N LEU A 203 3.24 5.70 -14.53
CA LEU A 203 4.49 6.36 -14.99
C LEU A 203 5.64 5.34 -14.98
N CYS A 204 5.68 4.51 -13.93
CA CYS A 204 6.67 3.44 -13.70
C CYS A 204 6.23 2.19 -14.47
N ASP A 205 5.30 2.35 -15.43
CA ASP A 205 4.95 1.32 -16.45
C ASP A 205 4.75 -0.04 -15.77
N TYR A 206 4.08 -0.05 -14.61
CA TYR A 206 3.56 -1.26 -13.94
C TYR A 206 4.71 -2.18 -13.52
N SER A 207 5.84 -1.61 -13.09
CA SER A 207 6.95 -2.38 -12.52
C SER A 207 6.44 -3.39 -11.48
N LYS A 208 6.89 -4.63 -11.59
CA LYS A 208 6.64 -5.72 -10.61
C LYS A 208 7.31 -5.32 -9.29
N ARG A 209 8.29 -4.43 -9.34
CA ARG A 209 9.11 -4.06 -8.17
C ARG A 209 8.38 -3.02 -7.30
N ILE A 210 7.24 -2.50 -7.76
CA ILE A 210 6.51 -1.39 -7.07
C ILE A 210 5.16 -1.90 -6.58
N ALA A 211 5.00 -1.98 -5.25
CA ALA A 211 3.76 -2.38 -4.54
C ALA A 211 3.23 -1.22 -3.68
N VAL A 212 2.14 -1.46 -2.96
CA VAL A 212 1.50 -0.47 -2.05
C VAL A 212 1.64 -0.96 -0.60
N ALA A 213 2.22 -0.10 0.24
CA ALA A 213 2.03 -0.12 1.71
C ALA A 213 0.90 0.88 2.00
N LEU A 214 -0.26 0.38 2.43
CA LEU A 214 -1.49 1.19 2.60
C LEU A 214 -1.54 1.70 4.04
N GLU A 215 -1.46 3.02 4.23
CA GLU A 215 -1.52 3.69 5.56
C GLU A 215 -2.99 3.98 5.88
N ILE A 216 -3.44 3.47 7.03
CA ILE A 216 -4.85 3.49 7.50
C ILE A 216 -5.00 4.51 8.63
N GLY A 217 -5.67 5.63 8.35
CA GLY A 217 -6.00 6.70 9.30
C GLY A 217 -7.16 6.31 10.20
N ALA A 218 -7.38 7.13 11.26
CA ALA A 218 -8.35 6.93 12.37
C ALA A 218 -9.77 6.84 11.79
N ASP A 219 -10.19 7.83 11.00
CA ASP A 219 -11.52 7.84 10.31
C ASP A 219 -11.37 7.09 8.99
N LEU A 220 -12.05 5.95 8.82
CA LEU A 220 -12.10 5.26 7.50
C LEU A 220 -12.87 6.15 6.56
N PRO A 221 -12.69 5.98 5.23
CA PRO A 221 -13.58 6.59 4.24
C PRO A 221 -14.77 5.68 3.90
N SER A 222 -15.59 6.07 2.92
CA SER A 222 -16.74 5.27 2.40
C SER A 222 -16.23 3.91 1.90
N ASN A 223 -17.07 2.89 1.97
CA ASN A 223 -16.75 1.55 1.41
C ASN A 223 -16.09 1.75 0.05
N HIS A 224 -16.70 2.57 -0.82
CA HIS A 224 -16.42 2.64 -2.27
C HIS A 224 -14.95 2.99 -2.51
N VAL A 225 -14.38 3.78 -1.61
CA VAL A 225 -12.95 4.21 -1.61
C VAL A 225 -12.06 2.99 -1.26
N ILE A 226 -12.41 2.28 -0.20
CA ILE A 226 -11.69 1.05 0.28
C ILE A 226 -11.83 -0.04 -0.79
N ASP A 227 -12.93 0.00 -1.55
CA ASP A 227 -13.22 -0.94 -2.67
C ASP A 227 -12.24 -0.71 -3.82
N ARG A 228 -11.70 0.51 -3.97
CA ARG A 228 -10.73 0.86 -5.05
C ARG A 228 -9.51 -0.06 -4.97
N TRP A 229 -9.02 -0.36 -3.76
CA TRP A 229 -7.71 -1.01 -3.44
C TRP A 229 -7.79 -2.54 -3.58
N LEU A 230 -8.98 -3.05 -3.88
CA LEU A 230 -9.15 -4.41 -4.42
C LEU A 230 -8.30 -4.52 -5.70
N GLY A 231 -7.69 -5.67 -5.94
CA GLY A 231 -6.92 -5.91 -7.17
C GLY A 231 -5.72 -4.98 -7.30
N GLU A 232 -5.26 -4.39 -6.19
CA GLU A 232 -4.02 -3.58 -6.15
C GLU A 232 -2.99 -4.32 -5.32
N PRO A 233 -1.69 -4.26 -5.68
CA PRO A 233 -0.68 -5.13 -5.09
C PRO A 233 -0.23 -4.61 -3.72
N ILE A 234 -1.01 -4.91 -2.70
CA ILE A 234 -0.83 -4.42 -1.30
C ILE A 234 0.12 -5.37 -0.58
N LYS A 235 1.41 -5.07 -0.53
CA LYS A 235 2.37 -5.93 0.20
C LYS A 235 2.30 -5.60 1.70
N ALA A 236 1.72 -4.46 2.10
CA ALA A 236 1.76 -3.97 3.49
C ALA A 236 0.56 -3.11 3.84
N ALA A 237 0.09 -3.18 5.09
CA ALA A 237 -0.97 -2.33 5.65
C ALA A 237 -0.44 -1.64 6.92
N ILE A 238 -0.21 -0.33 6.85
CA ILE A 238 0.38 0.45 7.97
C ILE A 238 -0.75 0.89 8.92
N LEU A 239 -0.62 0.58 10.22
CA LEU A 239 -1.58 0.87 11.31
C LEU A 239 -0.90 1.72 12.39
N PRO A 240 -1.17 3.06 12.48
CA PRO A 240 -0.60 3.87 13.55
C PRO A 240 -1.25 3.50 14.89
N THR A 241 -0.48 3.51 15.97
CA THR A 241 -0.94 3.21 17.36
C THR A 241 -2.08 4.16 17.76
N SER A 242 -2.21 5.32 17.09
CA SER A 242 -3.37 6.24 17.21
C SER A 242 -4.66 5.47 17.05
N ILE A 243 -4.88 4.91 15.85
CA ILE A 243 -6.20 4.42 15.35
C ILE A 243 -6.77 3.38 16.32
N PHE A 244 -5.99 2.92 17.30
CA PHE A 244 -6.43 1.91 18.29
C PHE A 244 -7.28 2.57 19.38
N LEU A 245 -8.50 2.05 19.56
CA LEU A 245 -9.41 2.37 20.70
C LEU A 245 -8.85 1.69 21.95
N THR A 246 -9.13 2.23 23.14
CA THR A 246 -8.74 1.65 24.45
C THR A 246 -9.99 1.03 25.12
N ASN A 247 -9.86 -0.18 25.68
CA ASN A 247 -11.00 -1.02 26.14
C ASN A 247 -11.16 -0.90 27.67
N LYS A 248 -12.14 -1.64 28.21
CA LYS A 248 -12.48 -1.74 29.66
C LYS A 248 -11.18 -1.84 30.48
N LYS A 249 -10.30 -2.79 30.15
CA LYS A 249 -9.10 -3.14 30.94
C LYS A 249 -8.05 -2.05 30.75
N GLY A 250 -7.78 -1.69 29.49
CA GLY A 250 -6.70 -0.74 29.12
C GLY A 250 -5.99 -1.15 27.84
N PHE A 251 -6.25 -2.37 27.34
CA PHE A 251 -5.68 -2.94 26.08
C PHE A 251 -6.01 -2.04 24.89
N PRO A 252 -5.19 -2.08 23.81
CA PRO A 252 -5.59 -1.50 22.52
C PRO A 252 -6.50 -2.46 21.75
N VAL A 253 -7.42 -1.88 20.97
CA VAL A 253 -8.40 -2.61 20.10
C VAL A 253 -8.65 -1.74 18.87
N LEU A 254 -9.63 -2.10 18.04
CA LEU A 254 -10.01 -1.33 16.83
C LEU A 254 -11.54 -1.33 16.68
N SER A 255 -12.10 -0.30 16.03
CA SER A 255 -13.54 -0.20 15.67
C SER A 255 -13.96 -1.44 14.88
N LYS A 256 -15.23 -1.84 14.96
CA LYS A 256 -15.76 -3.02 14.21
C LYS A 256 -15.47 -2.83 12.71
N MET A 257 -15.44 -1.59 12.21
CA MET A 257 -15.20 -1.31 10.78
C MET A 257 -13.73 -1.52 10.47
N HIS A 258 -12.83 -1.02 11.34
CA HIS A 258 -11.37 -1.25 11.24
C HIS A 258 -11.08 -2.74 11.21
N GLN A 259 -11.81 -3.54 11.98
CA GLN A 259 -11.65 -5.01 12.05
C GLN A 259 -11.99 -5.63 10.68
N ARG A 260 -13.22 -5.46 10.19
CA ARG A 260 -13.67 -5.87 8.83
C ARG A 260 -12.53 -5.61 7.83
N LEU A 261 -11.93 -4.42 7.89
CA LEU A 261 -10.80 -4.01 7.02
C LEU A 261 -9.61 -4.95 7.21
N ILE A 262 -9.22 -5.21 8.47
CA ILE A 262 -8.09 -6.11 8.79
C ILE A 262 -8.41 -7.48 8.16
N PHE A 263 -9.61 -8.00 8.38
CA PHE A 263 -10.08 -9.30 7.84
C PHE A 263 -10.03 -9.28 6.31
N ARG A 264 -10.28 -8.14 5.67
CA ARG A 264 -10.12 -7.99 4.19
C ARG A 264 -8.64 -8.12 3.82
N LEU A 265 -7.74 -7.51 4.60
CA LEU A 265 -6.29 -7.46 4.28
C LEU A 265 -5.61 -8.77 4.65
N LEU A 266 -6.11 -9.49 5.65
CA LEU A 266 -5.58 -10.81 6.07
C LEU A 266 -5.77 -11.82 4.92
N LYS A 267 -6.83 -11.67 4.13
CA LYS A 267 -7.13 -12.54 2.96
C LYS A 267 -6.13 -12.26 1.84
N LEU A 268 -5.62 -11.04 1.74
CA LEU A 268 -4.51 -10.69 0.80
C LEU A 268 -3.15 -11.07 1.39
N GLU A 269 -3.10 -11.50 2.65
CA GLU A 269 -1.86 -11.87 3.40
C GLU A 269 -0.87 -10.71 3.28
N VAL A 270 -1.27 -9.51 3.69
CA VAL A 270 -0.37 -8.32 3.77
C VAL A 270 0.51 -8.49 5.01
N GLN A 271 1.67 -7.85 4.99
CA GLN A 271 2.48 -7.62 6.21
C GLN A 271 1.85 -6.39 6.88
N PHE A 272 1.66 -6.47 8.19
CA PHE A 272 1.09 -5.39 9.03
C PHE A 272 2.24 -4.63 9.66
N ILE A 273 2.31 -3.31 9.42
CA ILE A 273 3.36 -2.42 9.99
C ILE A 273 2.75 -1.52 11.07
N ILE A 274 3.34 -1.53 12.25
CA ILE A 274 2.97 -0.67 13.41
C ILE A 274 3.90 0.54 13.43
N THR A 275 3.37 1.74 13.17
CA THR A 275 4.08 3.05 13.24
C THR A 275 3.60 3.81 14.48
N GLY A 276 4.29 4.92 14.82
CA GLY A 276 3.96 5.75 16.00
C GLY A 276 4.28 5.06 17.32
N THR A 277 4.37 5.84 18.40
CA THR A 277 4.83 5.43 19.76
C THR A 277 3.67 4.76 20.51
N ASN A 278 3.96 4.21 21.69
CA ASN A 278 3.02 3.43 22.54
C ASN A 278 2.11 4.37 23.33
N HIS A 279 0.85 4.50 22.89
CA HIS A 279 -0.19 5.36 23.51
C HIS A 279 -1.04 4.56 24.50
N HIS A 280 -0.78 3.26 24.61
CA HIS A 280 -1.28 2.36 25.69
C HIS A 280 -0.11 2.04 26.63
N SER A 281 0.29 3.05 27.43
CA SER A 281 1.52 3.10 28.27
C SER A 281 1.39 2.22 29.53
N GLU A 282 0.30 1.46 29.66
CA GLU A 282 0.05 0.46 30.74
C GLU A 282 0.33 -0.97 30.23
N LYS A 283 0.76 -1.14 28.97
CA LYS A 283 1.02 -2.47 28.35
C LYS A 283 2.47 -2.52 27.84
N GLU A 284 2.75 -3.45 26.93
CA GLU A 284 4.00 -3.55 26.10
C GLU A 284 3.71 -3.05 24.67
N PHE A 285 4.53 -3.47 23.69
CA PHE A 285 4.27 -3.34 22.22
C PHE A 285 3.77 -4.69 21.68
N CYS A 286 3.97 -5.76 22.46
CA CYS A 286 3.19 -7.02 22.40
C CYS A 286 1.72 -6.64 22.14
N SER A 287 1.15 -5.80 23.02
CA SER A 287 -0.29 -5.42 23.07
C SER A 287 -0.85 -5.22 21.67
N TYR A 288 -0.33 -4.23 20.94
CA TYR A 288 -0.77 -3.89 19.56
C TYR A 288 -0.66 -5.15 18.68
N LEU A 289 0.53 -5.74 18.64
CA LEU A 289 0.83 -6.96 17.85
C LEU A 289 -0.18 -8.07 18.20
N GLN A 290 -0.41 -8.31 19.49
CA GLN A 290 -1.24 -9.43 20.02
C GLN A 290 -2.71 -9.26 19.62
N TYR A 291 -3.27 -8.05 19.63
CA TYR A 291 -4.66 -7.80 19.18
C TYR A 291 -4.78 -8.34 17.75
N LEU A 292 -3.83 -7.98 16.88
CA LEU A 292 -3.79 -8.41 15.45
C LEU A 292 -3.81 -9.95 15.37
N GLU A 293 -2.96 -10.61 16.16
CA GLU A 293 -2.80 -12.09 16.19
C GLU A 293 -4.13 -12.74 16.61
N TYR A 294 -4.84 -12.10 17.56
CA TYR A 294 -6.16 -12.54 18.11
C TYR A 294 -7.24 -12.39 17.05
N LEU A 295 -7.22 -11.29 16.30
CA LEU A 295 -8.16 -11.03 15.16
C LEU A 295 -8.02 -12.17 14.15
N SER A 296 -6.79 -12.43 13.71
CA SER A 296 -6.42 -13.34 12.59
C SER A 296 -6.83 -14.79 12.90
N GLN A 297 -6.77 -15.18 14.18
CA GLN A 297 -6.98 -16.57 14.64
C GLN A 297 -8.42 -16.79 15.09
N ASN A 298 -9.26 -15.76 14.96
CA ASN A 298 -10.71 -15.83 15.28
C ASN A 298 -11.48 -15.40 14.03
N ARG A 299 -10.97 -15.78 12.86
CA ARG A 299 -11.58 -15.44 11.55
C ARG A 299 -12.22 -16.72 11.02
N PRO A 300 -13.27 -16.63 10.17
CA PRO A 300 -13.97 -17.82 9.69
C PRO A 300 -12.95 -18.80 9.14
N PRO A 301 -12.66 -19.94 9.83
CA PRO A 301 -11.57 -20.82 9.41
C PRO A 301 -11.87 -21.45 8.04
N PRO A 302 -10.83 -21.79 7.24
CA PRO A 302 -10.96 -21.97 5.79
C PRO A 302 -11.90 -23.10 5.34
N ASN A 303 -12.83 -22.81 4.41
CA ASN A 303 -13.82 -23.79 3.87
C ASN A 303 -13.14 -24.70 2.85
N ALA A 304 -13.84 -25.77 2.42
CA ALA A 304 -13.33 -26.86 1.54
C ALA A 304 -12.61 -26.29 0.31
N TYR A 305 -13.25 -25.32 -0.37
CA TYR A 305 -12.73 -24.64 -1.59
C TYR A 305 -11.45 -23.85 -1.27
N GLU A 306 -11.54 -22.88 -0.35
CA GLU A 306 -10.44 -21.95 0.05
C GLU A 306 -9.20 -22.74 0.47
N LEU A 307 -9.39 -23.78 1.29
CA LEU A 307 -8.32 -24.64 1.86
C LEU A 307 -7.58 -25.33 0.70
N PHE A 308 -8.30 -26.01 -0.20
CA PHE A 308 -7.76 -26.75 -1.37
C PHE A 308 -6.95 -25.84 -2.31
N ALA A 309 -7.44 -24.62 -2.54
CA ALA A 309 -6.94 -23.68 -3.57
C ALA A 309 -5.96 -22.67 -2.97
N LYS A 310 -5.45 -22.93 -1.76
CA LYS A 310 -4.70 -21.92 -0.98
C LYS A 310 -3.35 -21.62 -1.64
N GLY A 311 -2.83 -22.51 -2.49
CA GLY A 311 -1.56 -22.31 -3.23
C GLY A 311 -1.76 -21.57 -4.55
N TYR A 312 -2.91 -21.79 -5.21
CA TYR A 312 -3.15 -21.45 -6.63
C TYR A 312 -3.66 -20.02 -6.78
N GLU A 313 -3.77 -19.25 -5.68
CA GLU A 313 -4.31 -17.87 -5.68
C GLU A 313 -3.57 -17.06 -6.76
N ASP A 314 -4.32 -16.41 -7.65
CA ASP A 314 -3.80 -15.54 -8.75
C ASP A 314 -2.61 -16.21 -9.44
N TYR A 315 -2.64 -17.53 -9.55
CA TYR A 315 -1.68 -18.34 -10.33
C TYR A 315 -2.31 -18.60 -11.69
N LEU A 316 -1.74 -17.97 -12.71
CA LEU A 316 -2.13 -18.19 -14.12
C LEU A 316 -1.72 -19.62 -14.51
N GLN A 317 -2.53 -20.27 -15.35
CA GLN A 317 -2.29 -21.61 -15.92
C GLN A 317 -2.98 -21.64 -17.28
N SER A 318 -2.37 -22.20 -18.32
CA SER A 318 -3.00 -22.42 -19.64
C SER A 318 -4.18 -23.37 -19.49
N PRO A 319 -5.32 -23.14 -20.17
CA PRO A 319 -6.48 -24.00 -20.01
C PRO A 319 -6.17 -25.32 -20.73
N LEU A 320 -6.48 -26.45 -20.07
CA LEU A 320 -6.35 -27.86 -20.56
C LEU A 320 -7.14 -28.01 -21.86
N GLN A 321 -6.73 -28.93 -22.73
CA GLN A 321 -7.42 -29.23 -24.00
C GLN A 321 -7.61 -30.73 -24.10
N PRO A 322 -8.41 -31.34 -23.19
CA PRO A 322 -8.44 -32.80 -23.09
C PRO A 322 -8.73 -33.54 -24.41
N LEU A 323 -9.22 -32.81 -25.41
CA LEU A 323 -9.41 -33.31 -26.79
C LEU A 323 -8.05 -33.41 -27.52
N MET A 324 -7.45 -32.29 -27.88
CA MET A 324 -6.18 -32.20 -28.65
C MET A 324 -5.07 -32.87 -27.86
N ASP A 325 -5.08 -32.73 -26.54
CA ASP A 325 -4.05 -33.30 -25.65
C ASP A 325 -4.65 -34.48 -24.89
N ASN A 326 -3.78 -35.35 -24.37
CA ASN A 326 -4.14 -36.45 -23.44
C ASN A 326 -3.76 -36.02 -22.01
N LEU A 327 -4.70 -36.02 -21.08
CA LEU A 327 -4.41 -35.58 -19.69
C LEU A 327 -3.49 -36.63 -19.02
N GLU A 328 -2.77 -36.20 -17.98
CA GLU A 328 -1.81 -37.03 -17.20
C GLU A 328 -2.58 -37.71 -16.05
N SER A 329 -2.03 -38.79 -15.47
CA SER A 329 -2.60 -39.48 -14.29
C SER A 329 -3.05 -38.41 -13.27
N GLN A 330 -2.11 -37.63 -12.71
CA GLN A 330 -2.35 -36.68 -11.58
C GLN A 330 -3.28 -35.53 -12.00
N THR A 331 -3.40 -35.25 -13.30
CA THR A 331 -4.40 -34.30 -13.85
C THR A 331 -5.81 -34.91 -13.65
N TYR A 332 -6.03 -36.14 -14.13
CA TYR A 332 -7.29 -36.91 -13.95
C TYR A 332 -7.60 -37.11 -12.47
N GLU A 333 -6.57 -37.21 -11.63
CA GLU A 333 -6.70 -37.58 -10.19
C GLU A 333 -7.49 -36.50 -9.45
N VAL A 334 -7.17 -35.22 -9.69
CA VAL A 334 -7.78 -34.08 -8.94
C VAL A 334 -9.21 -33.84 -9.42
N PHE A 335 -9.55 -34.27 -10.65
CA PHE A 335 -10.93 -34.29 -11.17
C PHE A 335 -11.78 -35.25 -10.34
N GLU A 336 -11.19 -36.39 -10.02
CA GLU A 336 -11.86 -37.53 -9.34
C GLU A 336 -11.97 -37.20 -7.85
N LYS A 337 -11.02 -36.43 -7.34
CA LYS A 337 -10.86 -36.05 -5.91
C LYS A 337 -11.90 -34.97 -5.55
N ASP A 338 -13.00 -34.87 -6.30
CA ASP A 338 -14.08 -33.87 -6.07
C ASP A 338 -15.42 -34.58 -5.88
N PRO A 339 -15.79 -34.96 -4.63
CA PRO A 339 -16.97 -35.80 -4.39
C PRO A 339 -18.32 -35.19 -4.85
N ILE A 340 -18.58 -33.93 -4.49
CA ILE A 340 -19.88 -33.22 -4.74
C ILE A 340 -20.32 -33.45 -6.18
N LYS A 341 -19.45 -33.09 -7.13
CA LYS A 341 -19.72 -33.10 -8.59
C LYS A 341 -20.21 -34.48 -9.05
N TYR A 342 -19.73 -35.57 -8.45
CA TYR A 342 -20.07 -36.96 -8.83
C TYR A 342 -21.34 -37.43 -8.10
N SER A 343 -21.58 -36.97 -6.87
CA SER A 343 -22.89 -37.10 -6.18
C SER A 343 -23.97 -36.55 -7.11
N GLN A 344 -23.71 -35.33 -7.61
CA GLN A 344 -24.61 -34.58 -8.52
C GLN A 344 -24.81 -35.37 -9.81
N TYR A 345 -23.73 -35.89 -10.38
CA TYR A 345 -23.81 -36.70 -11.62
C TYR A 345 -24.63 -37.97 -11.31
N GLN A 346 -24.40 -38.59 -10.14
CA GLN A 346 -25.08 -39.85 -9.73
C GLN A 346 -26.58 -39.57 -9.62
N GLN A 347 -26.97 -38.59 -8.79
CA GLN A 347 -28.38 -38.13 -8.66
C GLN A 347 -28.97 -37.92 -10.06
N ALA A 348 -28.41 -37.03 -10.87
CA ALA A 348 -28.85 -36.69 -12.25
C ALA A 348 -29.23 -37.95 -13.02
N ILE A 349 -28.41 -39.00 -12.94
CA ILE A 349 -28.67 -40.29 -13.63
C ILE A 349 -29.84 -40.99 -12.94
N TYR A 350 -29.77 -41.11 -11.61
CA TYR A 350 -30.79 -41.72 -10.71
C TYR A 350 -32.18 -41.26 -11.16
N LYS A 351 -32.40 -39.94 -11.24
CA LYS A 351 -33.69 -39.32 -11.67
C LYS A 351 -34.02 -39.79 -13.10
N CYS A 352 -33.13 -39.54 -14.06
CA CYS A 352 -33.37 -39.84 -15.50
C CYS A 352 -33.84 -41.29 -15.69
N LEU A 353 -33.23 -42.23 -14.97
CA LEU A 353 -33.56 -43.69 -15.07
C LEU A 353 -35.05 -43.84 -14.77
N LEU A 354 -35.46 -43.39 -13.59
CA LEU A 354 -36.86 -43.47 -13.09
C LEU A 354 -37.79 -42.90 -14.17
N ASP A 355 -37.54 -41.66 -14.60
CA ASP A 355 -38.38 -40.92 -15.58
C ASP A 355 -38.50 -41.71 -16.88
N ARG A 356 -37.49 -42.52 -17.22
CA ARG A 356 -37.39 -43.20 -18.54
C ARG A 356 -37.96 -44.62 -18.49
N VAL A 357 -37.60 -45.40 -17.45
CA VAL A 357 -38.00 -46.82 -17.28
C VAL A 357 -39.07 -46.86 -16.19
N PRO A 358 -40.36 -47.01 -16.58
CA PRO A 358 -41.45 -47.21 -15.61
C PRO A 358 -41.18 -48.34 -14.59
N GLU A 359 -41.61 -48.11 -13.34
CA GLU A 359 -41.51 -49.05 -12.20
C GLU A 359 -41.80 -50.49 -12.65
N GLU A 360 -42.91 -50.71 -13.39
CA GLU A 360 -43.41 -52.05 -13.81
C GLU A 360 -42.43 -52.70 -14.81
N GLU A 361 -41.73 -51.88 -15.61
CA GLU A 361 -40.80 -52.34 -16.68
C GLU A 361 -39.40 -52.66 -16.13
N LYS A 362 -39.19 -52.56 -14.81
CA LYS A 362 -37.86 -52.43 -14.17
C LYS A 362 -36.90 -53.53 -14.63
N ASP A 363 -37.38 -54.78 -14.69
CA ASP A 363 -36.58 -56.00 -15.00
C ASP A 363 -36.64 -56.32 -16.50
N THR A 364 -37.75 -56.03 -17.17
CA THR A 364 -37.96 -56.32 -18.62
C THR A 364 -37.16 -55.34 -19.49
N ASN A 365 -36.80 -54.15 -18.96
CA ASN A 365 -36.17 -53.04 -19.74
C ASN A 365 -34.84 -52.61 -19.14
N VAL A 366 -33.77 -52.84 -19.90
CA VAL A 366 -32.39 -52.35 -19.63
C VAL A 366 -32.18 -51.04 -20.40
N GLN A 367 -31.41 -50.11 -19.82
CA GLN A 367 -31.00 -48.84 -20.44
C GLN A 367 -29.58 -48.94 -21.01
N VAL A 368 -29.38 -48.49 -22.24
CA VAL A 368 -28.07 -48.38 -22.93
C VAL A 368 -27.51 -46.98 -22.64
N LEU A 369 -26.48 -46.95 -21.80
CA LEU A 369 -25.92 -45.76 -21.12
C LEU A 369 -24.44 -45.62 -21.51
N MET A 370 -24.06 -44.49 -22.13
CA MET A 370 -22.74 -44.30 -22.77
C MET A 370 -22.05 -43.06 -22.20
N VAL A 371 -21.05 -43.25 -21.36
CA VAL A 371 -20.13 -42.16 -20.89
C VAL A 371 -19.28 -41.72 -22.10
N LEU A 372 -19.25 -40.42 -22.44
CA LEU A 372 -18.47 -39.91 -23.60
C LEU A 372 -17.35 -39.02 -23.08
N GLY A 373 -16.16 -39.59 -22.88
CA GLY A 373 -15.05 -38.97 -22.12
C GLY A 373 -15.05 -39.47 -20.69
N ALA A 374 -14.71 -40.75 -20.55
CA ALA A 374 -14.94 -41.57 -19.35
C ALA A 374 -13.72 -41.53 -18.43
N GLY A 375 -12.63 -40.92 -18.91
CA GLY A 375 -11.37 -40.78 -18.14
C GLY A 375 -10.93 -42.11 -17.57
N ARG A 376 -10.68 -42.15 -16.26
CA ARG A 376 -10.28 -43.37 -15.48
C ARG A 376 -11.54 -44.04 -14.91
N GLY A 377 -12.72 -43.47 -15.18
CA GLY A 377 -14.04 -44.06 -14.89
C GLY A 377 -14.62 -43.70 -13.53
N PRO A 378 -14.65 -42.42 -13.13
CA PRO A 378 -15.45 -42.01 -11.97
C PRO A 378 -16.94 -41.81 -12.34
N LEU A 379 -17.22 -41.40 -13.58
CA LEU A 379 -18.61 -41.33 -14.14
C LEU A 379 -19.18 -42.74 -14.35
N VAL A 380 -18.34 -43.70 -14.73
CA VAL A 380 -18.77 -45.12 -14.90
C VAL A 380 -19.20 -45.64 -13.52
N ASN A 381 -18.34 -45.48 -12.51
CA ASN A 381 -18.62 -45.95 -11.12
C ASN A 381 -19.87 -45.21 -10.62
N ALA A 382 -20.01 -43.92 -10.91
CA ALA A 382 -21.21 -43.12 -10.56
C ALA A 382 -22.44 -43.72 -11.24
N SER A 383 -22.32 -44.04 -12.54
CA SER A 383 -23.41 -44.65 -13.36
C SER A 383 -23.87 -45.98 -12.75
N LEU A 384 -22.95 -46.75 -12.17
CA LEU A 384 -23.31 -48.03 -11.49
C LEU A 384 -24.10 -47.70 -10.22
N ARG A 385 -23.44 -47.07 -9.23
CA ARG A 385 -24.06 -46.65 -7.94
C ARG A 385 -25.48 -46.11 -8.19
N ALA A 386 -25.66 -45.30 -9.23
CA ALA A 386 -26.94 -44.62 -9.59
C ALA A 386 -27.99 -45.64 -9.98
N ALA A 387 -27.63 -46.65 -10.76
CA ALA A 387 -28.55 -47.68 -11.30
C ALA A 387 -29.12 -48.52 -10.15
N LYS A 388 -28.27 -49.07 -9.27
CA LYS A 388 -28.72 -49.98 -8.18
C LYS A 388 -29.42 -49.16 -7.08
N GLN A 389 -29.11 -47.86 -6.98
CA GLN A 389 -29.85 -46.92 -6.08
C GLN A 389 -31.29 -46.75 -6.60
N ALA A 390 -31.48 -46.78 -7.93
CA ALA A 390 -32.76 -46.57 -8.65
C ALA A 390 -33.34 -47.89 -9.19
N ASP A 391 -32.73 -49.05 -8.89
CA ASP A 391 -33.22 -50.41 -9.27
C ASP A 391 -33.75 -50.37 -10.71
N ARG A 392 -32.87 -50.13 -11.70
CA ARG A 392 -33.14 -50.36 -13.14
C ARG A 392 -31.92 -51.02 -13.81
N ARG A 393 -32.14 -51.80 -14.87
CA ARG A 393 -31.05 -52.43 -15.65
C ARG A 393 -30.33 -51.34 -16.46
N ILE A 394 -28.99 -51.39 -16.50
CA ILE A 394 -28.17 -50.56 -17.42
C ILE A 394 -27.09 -51.43 -18.08
N LYS A 395 -26.86 -51.22 -19.36
CA LYS A 395 -25.62 -51.61 -20.08
C LYS A 395 -24.77 -50.36 -20.27
N LEU A 396 -23.47 -50.43 -19.93
CA LEU A 396 -22.51 -49.29 -19.92
C LEU A 396 -21.51 -49.43 -21.07
N TYR A 397 -21.42 -48.40 -21.90
CA TYR A 397 -20.21 -48.08 -22.68
C TYR A 397 -19.43 -47.03 -21.92
N ALA A 398 -18.10 -47.11 -22.00
CA ALA A 398 -17.17 -46.10 -21.49
C ALA A 398 -16.27 -45.71 -22.67
N VAL A 399 -16.74 -44.78 -23.50
CA VAL A 399 -15.96 -44.27 -24.66
C VAL A 399 -14.88 -43.32 -24.11
N GLU A 400 -13.61 -43.53 -24.53
CA GLU A 400 -12.41 -42.78 -24.07
C GLU A 400 -11.39 -42.70 -25.21
N LYS A 401 -10.97 -41.50 -25.60
CA LYS A 401 -9.97 -41.23 -26.67
C LYS A 401 -8.55 -41.44 -26.13
N ASN A 402 -8.28 -40.97 -24.91
CA ASN A 402 -6.97 -40.99 -24.24
C ASN A 402 -6.59 -42.43 -23.93
N PRO A 403 -5.60 -43.02 -24.65
CA PRO A 403 -5.30 -44.45 -24.51
C PRO A 403 -4.54 -44.82 -23.23
N ASN A 404 -3.93 -43.84 -22.57
CA ASN A 404 -3.23 -44.01 -21.27
C ASN A 404 -4.27 -44.30 -20.18
N ALA A 405 -5.37 -43.55 -20.20
CA ALA A 405 -6.55 -43.70 -19.33
C ALA A 405 -7.25 -45.04 -19.63
N VAL A 406 -7.50 -45.32 -20.91
CA VAL A 406 -8.14 -46.59 -21.40
C VAL A 406 -7.48 -47.78 -20.70
N VAL A 407 -6.17 -47.74 -20.53
CA VAL A 407 -5.40 -48.74 -19.73
C VAL A 407 -6.07 -48.88 -18.35
N THR A 408 -6.40 -47.75 -17.71
CA THR A 408 -6.94 -47.72 -16.33
C THR A 408 -8.36 -48.30 -16.30
N LEU A 409 -9.20 -47.91 -17.26
CA LEU A 409 -10.57 -48.45 -17.46
C LEU A 409 -10.51 -49.97 -17.65
N GLU A 410 -9.86 -50.45 -18.72
CA GLU A 410 -9.76 -51.88 -19.06
C GLU A 410 -9.31 -52.64 -17.81
N ASN A 411 -8.46 -52.06 -16.97
CA ASN A 411 -7.98 -52.69 -15.70
C ASN A 411 -9.13 -52.73 -14.68
N TRP A 412 -9.98 -51.70 -14.61
CA TRP A 412 -11.26 -51.70 -13.84
C TRP A 412 -12.26 -52.70 -14.46
N GLN A 413 -12.52 -52.56 -15.77
CA GLN A 413 -13.45 -53.40 -16.57
C GLN A 413 -13.21 -54.87 -16.22
N PHE A 414 -11.95 -55.30 -16.24
CA PHE A 414 -11.53 -56.70 -16.04
C PHE A 414 -11.68 -57.10 -14.57
N GLU A 415 -11.18 -56.27 -13.66
CA GLU A 415 -11.03 -56.64 -12.23
C GLU A 415 -12.37 -56.61 -11.49
N GLU A 416 -13.27 -55.67 -11.83
CA GLU A 416 -14.40 -55.26 -10.95
C GLU A 416 -15.73 -55.12 -11.70
N TRP A 417 -15.75 -54.42 -12.83
CA TRP A 417 -17.02 -54.15 -13.57
C TRP A 417 -17.48 -55.42 -14.30
N GLY A 418 -16.55 -56.10 -14.98
CA GLY A 418 -16.89 -57.20 -15.89
C GLY A 418 -17.54 -56.69 -17.16
N SER A 419 -18.24 -57.57 -17.88
CA SER A 419 -18.77 -57.33 -19.24
C SER A 419 -20.06 -56.49 -19.17
N GLN A 420 -20.44 -55.99 -18.00
CA GLN A 420 -21.51 -54.96 -17.89
C GLN A 420 -21.06 -53.73 -18.70
N VAL A 421 -19.95 -53.14 -18.28
CA VAL A 421 -19.22 -52.05 -18.99
C VAL A 421 -18.52 -52.64 -20.21
N THR A 422 -18.71 -52.01 -21.38
CA THR A 422 -17.95 -52.22 -22.63
C THR A 422 -17.05 -51.00 -22.85
N VAL A 423 -15.79 -51.06 -22.41
CA VAL A 423 -14.78 -49.98 -22.61
C VAL A 423 -14.52 -49.85 -24.10
N VAL A 424 -14.87 -48.71 -24.70
CA VAL A 424 -14.57 -48.36 -26.12
C VAL A 424 -13.41 -47.38 -26.06
N SER A 425 -12.48 -47.49 -27.00
CA SER A 425 -11.24 -46.67 -27.03
C SER A 425 -11.13 -45.96 -28.38
N SER A 426 -12.05 -45.03 -28.65
CA SER A 426 -11.95 -44.10 -29.80
C SER A 426 -12.49 -42.71 -29.45
N ASP A 427 -12.40 -41.81 -30.44
CA ASP A 427 -13.05 -40.48 -30.47
C ASP A 427 -14.55 -40.71 -30.65
N MET A 428 -15.38 -40.07 -29.81
CA MET A 428 -16.86 -40.27 -29.82
C MET A 428 -17.45 -39.76 -31.14
N ARG A 429 -16.75 -38.84 -31.80
CA ARG A 429 -17.05 -38.37 -33.19
C ARG A 429 -16.84 -39.53 -34.17
N GLU A 430 -15.75 -40.30 -34.02
CA GLU A 430 -15.31 -41.36 -34.95
C GLU A 430 -16.14 -42.64 -34.76
N TRP A 431 -16.28 -43.05 -33.50
CA TRP A 431 -16.86 -44.35 -33.09
C TRP A 431 -18.08 -44.66 -33.95
N VAL A 432 -18.14 -45.90 -34.45
CA VAL A 432 -19.31 -46.49 -35.16
C VAL A 432 -19.98 -47.45 -34.17
N ALA A 433 -20.91 -46.94 -33.35
CA ALA A 433 -21.49 -47.63 -32.18
C ALA A 433 -22.40 -48.76 -32.64
N PRO A 434 -22.55 -49.83 -31.83
CA PRO A 434 -23.32 -51.01 -32.26
C PRO A 434 -24.83 -50.75 -32.17
N GLU A 435 -25.28 -50.22 -31.02
CA GLU A 435 -26.69 -49.84 -30.72
C GLU A 435 -26.72 -48.32 -30.51
N LYS A 436 -27.88 -47.76 -30.17
CA LYS A 436 -28.03 -46.32 -29.82
C LYS A 436 -28.20 -46.18 -28.31
N ALA A 437 -28.03 -44.98 -27.76
CA ALA A 437 -27.97 -44.72 -26.30
C ALA A 437 -29.26 -44.07 -25.81
N ASP A 438 -29.71 -44.52 -24.63
CA ASP A 438 -30.78 -43.87 -23.86
C ASP A 438 -30.24 -42.58 -23.26
N ILE A 439 -29.05 -42.66 -22.66
CA ILE A 439 -28.37 -41.51 -21.99
C ILE A 439 -26.88 -41.50 -22.38
N ILE A 440 -26.40 -40.36 -22.86
CA ILE A 440 -24.95 -40.04 -23.02
C ILE A 440 -24.55 -39.17 -21.84
N VAL A 441 -23.41 -39.44 -21.21
CA VAL A 441 -22.99 -38.75 -19.95
C VAL A 441 -21.60 -38.11 -20.16
N SER A 442 -21.51 -36.79 -20.26
CA SER A 442 -20.25 -36.06 -20.57
C SER A 442 -19.84 -35.16 -19.40
N GLU A 443 -18.54 -35.11 -19.12
CA GLU A 443 -17.91 -34.27 -18.09
C GLU A 443 -16.96 -33.33 -18.79
N LEU A 444 -17.11 -33.13 -20.09
CA LEU A 444 -16.04 -32.51 -20.91
C LEU A 444 -16.31 -31.01 -21.03
N LEU A 445 -16.56 -30.43 -19.86
CA LEU A 445 -16.93 -29.01 -19.71
C LEU A 445 -15.80 -28.32 -18.99
N GLY A 446 -15.20 -27.34 -19.65
CA GLY A 446 -14.16 -26.49 -19.04
C GLY A 446 -14.76 -25.35 -18.21
N SER A 447 -13.95 -24.32 -17.99
CA SER A 447 -14.16 -23.27 -16.97
C SER A 447 -15.03 -22.20 -17.62
N PHE A 448 -14.93 -22.07 -18.94
CA PHE A 448 -15.85 -21.25 -19.77
C PHE A 448 -16.88 -22.15 -20.45
N ALA A 449 -17.14 -23.33 -19.85
CA ALA A 449 -18.03 -24.39 -20.36
C ALA A 449 -17.56 -24.89 -21.74
N ASP A 450 -17.93 -24.17 -22.79
CA ASP A 450 -17.74 -24.63 -24.20
C ASP A 450 -16.28 -24.53 -24.66
N ASN A 451 -15.31 -24.19 -23.79
CA ASN A 451 -13.90 -23.89 -24.20
C ASN A 451 -13.11 -25.18 -24.44
N GLU A 452 -13.67 -26.36 -24.14
CA GLU A 452 -13.03 -27.66 -24.45
C GLU A 452 -13.71 -28.31 -25.64
N LEU A 453 -14.81 -27.75 -26.11
CA LEU A 453 -15.46 -28.12 -27.40
C LEU A 453 -16.40 -29.31 -27.18
N SER A 454 -17.04 -29.38 -26.02
CA SER A 454 -18.26 -30.20 -25.76
C SER A 454 -19.28 -30.08 -26.88
N PRO A 455 -19.62 -28.87 -27.33
CA PRO A 455 -20.56 -28.72 -28.44
C PRO A 455 -20.17 -29.47 -29.72
N GLU A 456 -18.90 -29.39 -30.13
CA GLU A 456 -18.40 -30.08 -31.37
C GLU A 456 -18.37 -31.60 -31.12
N CYS A 457 -17.98 -32.01 -29.92
CA CYS A 457 -17.80 -33.43 -29.53
C CYS A 457 -19.18 -34.08 -29.47
N LEU A 458 -20.09 -33.54 -28.65
CA LEU A 458 -21.43 -34.13 -28.46
C LEU A 458 -22.30 -33.97 -29.72
N ASP A 459 -21.98 -33.03 -30.61
CA ASP A 459 -22.63 -32.91 -31.94
C ASP A 459 -22.22 -34.11 -32.81
N GLY A 460 -20.95 -34.52 -32.76
CA GLY A 460 -20.44 -35.65 -33.57
C GLY A 460 -20.98 -36.98 -33.06
N ALA A 461 -21.25 -37.06 -31.76
CA ALA A 461 -21.68 -38.27 -31.04
C ALA A 461 -23.21 -38.31 -30.95
N GLN A 462 -23.91 -37.38 -31.62
CA GLN A 462 -25.37 -37.24 -31.51
C GLN A 462 -26.05 -38.29 -32.38
N HIS A 463 -25.42 -38.64 -33.52
CA HIS A 463 -26.01 -39.52 -34.56
C HIS A 463 -26.32 -40.92 -33.98
N PHE A 464 -25.63 -41.33 -32.91
CA PHE A 464 -25.88 -42.65 -32.24
C PHE A 464 -26.67 -42.47 -30.94
N LEU A 465 -27.27 -41.30 -30.72
CA LEU A 465 -28.25 -41.09 -29.61
C LEU A 465 -29.64 -41.50 -30.12
N LYS A 466 -30.39 -42.22 -29.30
CA LYS A 466 -31.77 -42.67 -29.64
C LYS A 466 -32.61 -41.43 -29.93
N ASP A 467 -33.59 -41.52 -30.85
CA ASP A 467 -34.38 -40.37 -31.37
C ASP A 467 -35.00 -39.60 -30.20
N ASP A 468 -35.16 -40.25 -29.04
CA ASP A 468 -35.81 -39.70 -27.81
C ASP A 468 -34.80 -39.68 -26.65
N GLY A 469 -33.50 -39.68 -26.94
CA GLY A 469 -32.46 -39.84 -25.92
C GLY A 469 -32.29 -38.59 -25.07
N VAL A 470 -31.75 -38.76 -23.86
CA VAL A 470 -31.32 -37.66 -22.92
C VAL A 470 -29.81 -37.49 -23.04
N SER A 471 -29.32 -36.23 -23.01
CA SER A 471 -27.90 -35.91 -22.70
C SER A 471 -27.81 -35.42 -21.26
N ILE A 472 -26.82 -35.92 -20.53
CA ILE A 472 -26.36 -35.35 -19.23
C ILE A 472 -24.93 -34.87 -19.45
N PRO A 473 -24.68 -33.53 -19.43
CA PRO A 473 -25.71 -32.52 -19.26
C PRO A 473 -26.45 -32.24 -20.57
N GLY A 474 -27.60 -31.56 -20.50
CA GLY A 474 -28.40 -31.18 -21.69
C GLY A 474 -28.23 -29.71 -22.00
N GLU A 475 -27.84 -28.93 -21.00
CA GLU A 475 -27.65 -27.49 -21.19
C GLU A 475 -26.50 -27.03 -20.30
N TYR A 476 -25.62 -26.21 -20.87
CA TYR A 476 -24.54 -25.49 -20.16
C TYR A 476 -24.38 -24.08 -20.75
N THR A 477 -23.87 -23.17 -19.92
CA THR A 477 -23.88 -21.71 -20.20
C THR A 477 -22.71 -21.00 -19.52
N SER A 478 -22.04 -20.16 -20.31
CA SER A 478 -20.83 -19.38 -19.94
C SER A 478 -21.22 -17.96 -19.52
N PHE A 479 -20.50 -17.41 -18.55
CA PHE A 479 -20.80 -16.12 -17.87
C PHE A 479 -19.52 -15.30 -17.82
N LEU A 480 -19.61 -14.01 -18.17
CA LEU A 480 -18.49 -13.05 -18.11
C LEU A 480 -18.78 -11.99 -17.05
N ALA A 481 -17.76 -11.57 -16.31
CA ALA A 481 -17.76 -10.40 -15.41
C ALA A 481 -16.54 -9.53 -15.74
N PRO A 482 -16.69 -8.21 -15.96
CA PRO A 482 -15.52 -7.33 -16.03
C PRO A 482 -14.85 -7.25 -14.66
N ILE A 483 -13.52 -7.22 -14.65
CA ILE A 483 -12.72 -7.17 -13.40
C ILE A 483 -11.56 -6.20 -13.57
N SER A 484 -11.03 -5.75 -12.43
CA SER A 484 -9.86 -4.85 -12.28
C SER A 484 -8.84 -5.54 -11.38
N SER A 485 -7.68 -5.89 -11.90
CA SER A 485 -6.56 -6.42 -11.09
C SER A 485 -5.24 -6.12 -11.78
N SER A 486 -4.79 -4.88 -11.66
CA SER A 486 -3.44 -4.40 -12.05
C SER A 486 -2.41 -5.46 -11.68
N LYS A 487 -2.62 -6.15 -10.55
CA LYS A 487 -1.91 -7.38 -10.12
C LYS A 487 -1.91 -8.45 -11.22
N LEU A 488 -3.06 -9.09 -11.49
CA LEU A 488 -3.20 -10.15 -12.53
C LEU A 488 -2.85 -9.58 -13.92
N TYR A 489 -3.05 -8.29 -14.13
CA TYR A 489 -2.67 -7.61 -15.38
C TYR A 489 -1.16 -7.65 -15.52
N ASN A 490 -0.46 -7.60 -14.39
CA ASN A 490 1.02 -7.64 -14.37
C ASN A 490 1.48 -9.08 -14.53
N GLU A 491 0.69 -10.03 -14.02
CA GLU A 491 0.96 -11.49 -14.13
C GLU A 491 0.95 -11.90 -15.61
N VAL A 492 -0.06 -11.44 -16.34
CA VAL A 492 -0.25 -11.77 -17.78
C VAL A 492 0.86 -11.05 -18.56
N ARG A 493 1.07 -9.77 -18.28
CA ARG A 493 2.08 -8.94 -18.98
C ARG A 493 3.45 -9.59 -18.82
N ALA A 494 3.63 -10.37 -17.75
CA ALA A 494 4.88 -11.09 -17.41
C ALA A 494 4.93 -12.47 -18.08
N CYS A 495 3.97 -12.78 -18.95
CA CYS A 495 3.92 -14.10 -19.63
C CYS A 495 4.44 -13.95 -21.06
N ARG A 496 4.93 -12.76 -21.44
CA ARG A 496 5.61 -12.59 -22.74
C ARG A 496 6.75 -13.60 -22.85
N GLU A 497 6.87 -14.22 -24.05
CA GLU A 497 7.88 -15.26 -24.39
C GLU A 497 8.57 -14.92 -25.72
N LYS A 498 9.88 -15.13 -25.78
CA LYS A 498 10.72 -15.01 -27.01
C LYS A 498 10.12 -15.89 -28.11
N ASP A 499 10.23 -15.46 -29.37
CA ASP A 499 9.81 -16.24 -30.58
C ASP A 499 8.28 -16.35 -30.69
N ARG A 500 7.55 -15.28 -30.35
CA ARG A 500 6.10 -15.11 -30.67
C ARG A 500 5.70 -13.65 -30.47
N ASP A 501 4.50 -13.27 -30.91
CA ASP A 501 3.99 -11.88 -30.79
C ASP A 501 4.29 -11.44 -29.36
N PRO A 502 4.81 -10.21 -29.17
CA PRO A 502 5.09 -9.72 -27.82
C PRO A 502 3.84 -9.45 -26.97
N GLU A 503 2.65 -9.37 -27.59
CA GLU A 503 1.36 -9.13 -26.90
C GLU A 503 0.48 -10.40 -26.96
N ALA A 504 0.88 -11.42 -27.72
CA ALA A 504 0.20 -12.73 -27.79
C ALA A 504 -0.40 -13.16 -26.44
N GLN A 505 0.24 -12.83 -25.32
CA GLN A 505 -0.14 -13.35 -23.97
C GLN A 505 -1.44 -12.70 -23.50
N PHE A 506 -1.77 -11.53 -24.03
CA PHE A 506 -3.05 -10.82 -23.75
C PHE A 506 -4.18 -11.44 -24.59
N GLU A 507 -3.87 -12.04 -25.73
CA GLU A 507 -4.88 -12.54 -26.70
C GLU A 507 -5.20 -14.02 -26.41
N MET A 508 -5.07 -14.46 -25.17
CA MET A 508 -5.39 -15.86 -24.80
C MET A 508 -5.89 -15.90 -23.36
N PRO A 509 -6.77 -16.86 -23.04
CA PRO A 509 -7.31 -17.00 -21.69
C PRO A 509 -6.39 -17.76 -20.73
N TYR A 510 -6.60 -17.64 -19.42
CA TYR A 510 -5.84 -18.37 -18.38
C TYR A 510 -6.82 -18.87 -17.32
N VAL A 511 -6.77 -20.14 -16.97
CA VAL A 511 -7.49 -20.67 -15.78
C VAL A 511 -6.72 -20.22 -14.53
N VAL A 512 -7.40 -19.49 -13.65
CA VAL A 512 -6.75 -18.85 -12.48
C VAL A 512 -7.76 -18.78 -11.34
N ARG A 513 -7.34 -19.12 -10.13
CA ARG A 513 -8.11 -18.87 -8.89
C ARG A 513 -7.98 -17.37 -8.60
N LEU A 514 -8.77 -16.57 -9.32
CA LEU A 514 -8.87 -15.11 -9.16
C LEU A 514 -9.04 -14.83 -7.67
N HIS A 515 -8.10 -14.09 -7.07
CA HIS A 515 -8.08 -13.78 -5.61
C HIS A 515 -7.99 -12.27 -5.42
N ASN A 516 -6.79 -11.70 -5.53
CA ASN A 516 -6.56 -10.23 -5.48
C ASN A 516 -7.13 -9.63 -6.77
N PHE A 517 -8.43 -9.33 -6.77
CA PHE A 517 -9.18 -8.71 -7.90
C PHE A 517 -10.46 -8.04 -7.38
N HIS A 518 -11.20 -7.42 -8.29
CA HIS A 518 -12.42 -6.62 -8.01
C HIS A 518 -13.42 -6.87 -9.13
N GLN A 519 -14.60 -7.41 -8.81
CA GLN A 519 -15.69 -7.60 -9.80
C GLN A 519 -16.44 -6.26 -9.93
N LEU A 520 -16.60 -5.76 -11.15
CA LEU A 520 -17.07 -4.38 -11.43
C LEU A 520 -18.55 -4.38 -11.78
N SER A 521 -19.07 -5.51 -12.27
CA SER A 521 -20.50 -5.74 -12.60
C SER A 521 -20.83 -7.19 -12.30
N ALA A 522 -22.09 -7.49 -11.97
CA ALA A 522 -22.57 -8.86 -11.74
C ALA A 522 -22.44 -9.63 -13.04
N PRO A 523 -21.98 -10.90 -13.00
CA PRO A 523 -21.80 -11.71 -14.21
C PRO A 523 -23.10 -11.81 -15.01
N GLN A 524 -23.02 -11.59 -16.33
CA GLN A 524 -24.11 -11.86 -17.31
C GLN A 524 -23.73 -13.06 -18.18
N PRO A 525 -24.71 -13.78 -18.76
CA PRO A 525 -24.41 -14.97 -19.55
C PRO A 525 -23.89 -14.58 -20.94
N CYS A 526 -23.06 -15.44 -21.52
CA CYS A 526 -22.33 -15.19 -22.78
C CYS A 526 -22.81 -16.13 -23.89
N PHE A 527 -22.50 -17.43 -23.79
CA PHE A 527 -22.91 -18.46 -24.77
C PHE A 527 -23.62 -19.59 -24.03
N THR A 528 -24.73 -20.07 -24.59
CA THR A 528 -25.48 -21.24 -24.07
C THR A 528 -25.52 -22.32 -25.16
N PHE A 529 -25.45 -23.59 -24.74
CA PHE A 529 -25.48 -24.76 -25.63
C PHE A 529 -26.46 -25.79 -25.08
N SER A 530 -27.15 -26.50 -25.98
CA SER A 530 -28.21 -27.52 -25.72
C SER A 530 -27.79 -28.88 -26.31
N HIS A 531 -28.17 -29.98 -25.65
CA HIS A 531 -27.91 -31.38 -26.09
C HIS A 531 -29.03 -32.31 -25.65
N PRO A 532 -29.68 -33.04 -26.58
CA PRO A 532 -29.39 -32.93 -28.01
C PRO A 532 -29.87 -31.66 -28.71
N ASN A 533 -28.97 -30.95 -29.39
CA ASN A 533 -29.29 -29.86 -30.34
C ASN A 533 -29.92 -30.49 -31.59
N ARG A 534 -31.25 -30.49 -31.65
CA ARG A 534 -32.08 -31.14 -32.71
C ARG A 534 -32.24 -30.21 -33.93
N ASP A 535 -31.72 -28.98 -33.86
CA ASP A 535 -31.88 -27.90 -34.88
C ASP A 535 -31.28 -28.37 -36.21
N PRO A 536 -31.94 -28.16 -37.38
CA PRO A 536 -31.36 -28.50 -38.68
C PRO A 536 -30.23 -27.56 -39.12
N MET A 537 -30.15 -26.35 -38.55
CA MET A 537 -29.05 -25.37 -38.80
C MET A 537 -28.15 -25.31 -37.56
N ILE A 538 -27.57 -26.47 -37.19
CA ILE A 538 -26.50 -26.62 -36.15
C ILE A 538 -25.34 -25.72 -36.56
N ASP A 539 -25.06 -24.66 -35.78
CA ASP A 539 -23.90 -23.76 -35.99
C ASP A 539 -23.37 -23.32 -34.64
N ASN A 540 -22.24 -23.87 -34.18
CA ASN A 540 -21.68 -23.65 -32.82
C ASN A 540 -20.91 -22.32 -32.73
N ASN A 541 -20.83 -21.54 -33.82
CA ASN A 541 -20.26 -20.17 -33.83
C ASN A 541 -21.27 -19.17 -33.27
N ARG A 542 -20.77 -18.12 -32.62
CA ARG A 542 -21.61 -17.20 -31.82
C ARG A 542 -21.11 -15.76 -31.92
N TYR A 543 -22.01 -14.80 -31.64
CA TYR A 543 -21.70 -13.36 -31.43
C TYR A 543 -22.64 -12.87 -30.34
N CYS A 544 -22.13 -12.61 -29.14
CA CYS A 544 -22.92 -12.10 -28.00
C CYS A 544 -22.39 -10.74 -27.53
N THR A 545 -23.22 -9.70 -27.56
CA THR A 545 -22.91 -8.36 -26.99
C THR A 545 -23.34 -8.31 -25.53
N LEU A 546 -22.47 -7.83 -24.65
CA LEU A 546 -22.78 -7.63 -23.21
C LEU A 546 -22.51 -6.17 -22.79
N GLU A 547 -23.46 -5.62 -22.02
CA GLU A 547 -23.46 -4.23 -21.46
C GLU A 547 -23.46 -4.32 -19.93
N PHE A 548 -22.37 -3.87 -19.31
CA PHE A 548 -22.07 -4.06 -17.87
C PHE A 548 -22.18 -2.73 -17.13
N PRO A 549 -23.28 -2.50 -16.38
CA PRO A 549 -23.39 -1.30 -15.55
C PRO A 549 -22.25 -1.32 -14.54
N VAL A 550 -21.40 -0.30 -14.61
CA VAL A 550 -20.30 -0.05 -13.63
C VAL A 550 -20.68 1.16 -12.79
N GLU A 551 -20.36 1.08 -11.49
CA GLU A 551 -20.83 1.97 -10.40
C GLU A 551 -19.63 2.29 -9.49
N VAL A 552 -18.42 2.34 -10.06
CA VAL A 552 -17.18 2.81 -9.40
C VAL A 552 -16.31 3.51 -10.45
N ASN A 553 -15.31 4.24 -9.99
CA ASN A 553 -14.20 4.75 -10.82
C ASN A 553 -13.06 3.72 -10.73
N THR A 554 -13.04 2.70 -11.58
CA THR A 554 -12.03 1.62 -11.52
C THR A 554 -11.27 1.57 -12.84
N VAL A 555 -10.42 0.55 -13.03
CA VAL A 555 -9.66 0.30 -14.29
C VAL A 555 -9.94 -1.14 -14.75
N LEU A 556 -10.38 -1.30 -16.00
CA LEU A 556 -10.62 -2.62 -16.64
C LEU A 556 -9.28 -3.26 -16.98
N HIS A 557 -9.09 -4.53 -16.61
CA HIS A 557 -7.89 -5.36 -16.92
C HIS A 557 -8.28 -6.64 -17.68
N GLY A 558 -9.50 -7.11 -17.51
CA GLY A 558 -10.00 -8.29 -18.23
C GLY A 558 -11.38 -8.69 -17.77
N PHE A 559 -11.80 -9.89 -18.13
CA PHE A 559 -13.15 -10.44 -17.91
C PHE A 559 -13.05 -11.81 -17.25
N ALA A 560 -13.51 -11.95 -16.00
CA ALA A 560 -13.73 -13.25 -15.32
C ALA A 560 -14.66 -14.09 -16.18
N GLY A 561 -14.40 -15.40 -16.25
CA GLY A 561 -15.19 -16.39 -16.99
C GLY A 561 -15.63 -17.51 -16.07
N TYR A 562 -16.93 -17.77 -16.02
CA TYR A 562 -17.51 -18.84 -15.18
C TYR A 562 -18.49 -19.63 -16.05
N PHE A 563 -19.11 -20.66 -15.48
CA PHE A 563 -20.14 -21.47 -16.19
C PHE A 563 -21.17 -22.03 -15.20
N GLU A 564 -22.36 -22.29 -15.72
CA GLU A 564 -23.40 -23.11 -15.08
C GLU A 564 -23.82 -24.17 -16.09
N THR A 565 -24.26 -25.34 -15.62
CA THR A 565 -24.79 -26.43 -16.46
C THR A 565 -25.96 -27.08 -15.75
N VAL A 566 -26.98 -27.41 -16.54
CA VAL A 566 -28.09 -28.33 -16.15
C VAL A 566 -27.63 -29.73 -16.54
N LEU A 567 -27.44 -30.60 -15.56
CA LEU A 567 -27.13 -32.03 -15.79
C LEU A 567 -28.42 -32.69 -16.29
N TYR A 568 -29.50 -32.54 -15.52
CA TYR A 568 -30.86 -33.05 -15.83
C TYR A 568 -31.85 -32.42 -14.84
N GLN A 569 -32.73 -31.55 -15.32
CA GLN A 569 -33.80 -30.89 -14.52
C GLN A 569 -33.19 -29.99 -13.41
N ASP A 570 -33.47 -30.31 -12.13
CA ASP A 570 -33.14 -29.45 -10.95
C ASP A 570 -31.74 -29.81 -10.44
N ILE A 571 -31.02 -30.72 -11.12
CA ILE A 571 -29.60 -31.01 -10.76
C ILE A 571 -28.72 -30.17 -11.67
N THR A 572 -27.92 -29.28 -11.09
CA THR A 572 -27.05 -28.33 -11.83
C THR A 572 -25.66 -28.28 -11.20
N LEU A 573 -24.69 -27.82 -11.99
CA LEU A 573 -23.34 -27.47 -11.50
C LEU A 573 -23.08 -26.04 -11.95
N SER A 574 -22.32 -25.30 -11.13
CA SER A 574 -21.93 -23.89 -11.36
C SER A 574 -20.61 -23.59 -10.64
N ILE A 575 -19.76 -22.77 -11.27
CA ILE A 575 -18.61 -22.11 -10.61
C ILE A 575 -18.89 -20.61 -10.58
N ARG A 576 -20.04 -20.18 -11.10
CA ARG A 576 -20.51 -18.77 -11.11
C ARG A 576 -20.72 -18.36 -9.66
N PRO A 577 -19.99 -17.36 -9.13
CA PRO A 577 -19.81 -17.25 -7.68
C PRO A 577 -21.17 -17.23 -6.96
N GLU A 578 -22.16 -16.53 -7.54
CA GLU A 578 -23.52 -16.35 -6.94
C GLU A 578 -24.18 -17.72 -6.74
N THR A 579 -24.27 -18.52 -7.79
CA THR A 579 -24.97 -19.83 -7.80
C THR A 579 -23.98 -21.00 -7.60
N HIS A 580 -22.78 -20.73 -7.06
CA HIS A 580 -21.61 -21.65 -7.03
C HIS A 580 -21.95 -22.92 -6.27
N SER A 581 -21.90 -24.09 -6.93
CA SER A 581 -22.05 -25.43 -6.30
C SER A 581 -21.22 -25.48 -5.01
N PRO A 582 -21.79 -25.84 -3.84
CA PRO A 582 -21.03 -25.82 -2.59
C PRO A 582 -20.00 -26.95 -2.47
N GLY A 583 -18.73 -26.59 -2.22
CA GLY A 583 -17.61 -27.54 -1.98
C GLY A 583 -17.17 -28.30 -3.23
N MET A 584 -17.04 -27.59 -4.37
CA MET A 584 -16.75 -28.19 -5.70
C MET A 584 -15.49 -27.55 -6.31
N PHE A 585 -14.41 -28.33 -6.38
CA PHE A 585 -13.04 -27.84 -6.67
C PHE A 585 -12.49 -28.46 -7.96
N SER A 586 -13.35 -28.94 -8.85
CA SER A 586 -12.91 -29.47 -10.16
C SER A 586 -12.56 -28.30 -11.09
N TRP A 587 -12.99 -27.09 -10.73
CA TRP A 587 -12.93 -25.92 -11.65
C TRP A 587 -12.58 -24.61 -10.95
N PHE A 588 -11.67 -23.86 -11.56
CA PHE A 588 -11.34 -22.43 -11.28
C PHE A 588 -11.88 -21.57 -12.41
N PRO A 589 -12.10 -20.27 -12.16
CA PRO A 589 -12.53 -19.37 -13.22
C PRO A 589 -11.45 -19.25 -14.31
N ILE A 590 -11.89 -18.96 -15.52
CA ILE A 590 -11.00 -18.57 -16.64
C ILE A 590 -10.88 -17.05 -16.60
N LEU A 591 -9.92 -16.45 -17.32
CA LEU A 591 -9.70 -14.99 -17.38
C LEU A 591 -9.28 -14.56 -18.79
N PHE A 592 -10.14 -13.87 -19.53
CA PHE A 592 -9.82 -13.19 -20.82
C PHE A 592 -9.24 -11.82 -20.49
N PRO A 593 -7.92 -11.58 -20.58
CA PRO A 593 -7.38 -10.26 -20.31
C PRO A 593 -7.61 -9.33 -21.50
N ILE A 594 -7.14 -8.09 -21.40
CA ILE A 594 -7.10 -7.10 -22.52
C ILE A 594 -5.74 -6.37 -22.48
N LYS A 595 -5.26 -5.89 -23.64
CA LYS A 595 -3.86 -5.45 -23.85
C LYS A 595 -3.61 -4.22 -22.97
N GLN A 596 -4.19 -3.09 -23.40
CA GLN A 596 -4.20 -1.80 -22.66
C GLN A 596 -5.37 -1.84 -21.68
N PRO A 597 -5.10 -1.53 -20.39
CA PRO A 597 -6.17 -1.33 -19.41
C PRO A 597 -7.06 -0.17 -19.88
N ILE A 598 -8.26 -0.07 -19.33
CA ILE A 598 -9.26 0.97 -19.74
C ILE A 598 -9.83 1.64 -18.47
N THR A 599 -9.74 2.97 -18.39
CA THR A 599 -10.36 3.75 -17.29
C THR A 599 -11.87 3.75 -17.47
N VAL A 600 -12.61 3.43 -16.41
CA VAL A 600 -14.10 3.40 -16.41
C VAL A 600 -14.61 4.36 -15.32
N ARG A 601 -15.31 5.41 -15.73
CA ARG A 601 -15.91 6.45 -14.84
C ARG A 601 -17.28 5.95 -14.35
N GLU A 602 -17.66 6.34 -13.13
CA GLU A 602 -18.81 5.77 -12.38
C GLU A 602 -20.11 5.98 -13.16
N GLY A 603 -20.93 4.93 -13.24
CA GLY A 603 -22.24 4.99 -13.93
C GLY A 603 -22.08 4.84 -15.43
N GLN A 604 -20.84 4.66 -15.91
CA GLN A 604 -20.62 4.30 -17.33
C GLN A 604 -20.92 2.82 -17.49
N THR A 605 -21.26 2.45 -18.72
CA THR A 605 -21.51 1.07 -19.18
C THR A 605 -20.23 0.54 -19.81
N ILE A 606 -19.72 -0.62 -19.36
CA ILE A 606 -18.70 -1.42 -20.11
C ILE A 606 -19.42 -2.32 -21.11
N CYS A 607 -19.25 -2.07 -22.40
CA CYS A 607 -19.72 -2.95 -23.51
C CYS A 607 -18.55 -3.81 -24.01
N VAL A 608 -18.65 -5.13 -23.76
CA VAL A 608 -17.69 -6.16 -24.28
C VAL A 608 -18.43 -7.10 -25.24
N ARG A 609 -17.79 -7.38 -26.37
CA ARG A 609 -18.30 -8.26 -27.44
C ARG A 609 -17.49 -9.55 -27.44
N PHE A 610 -18.14 -10.69 -27.60
CA PHE A 610 -17.47 -12.01 -27.72
C PHE A 610 -17.94 -12.75 -28.99
N TRP A 611 -16.99 -13.37 -29.67
CA TRP A 611 -17.24 -14.33 -30.76
C TRP A 611 -16.66 -15.70 -30.38
N ARG A 612 -17.44 -16.77 -30.58
CA ARG A 612 -16.97 -18.17 -30.74
C ARG A 612 -16.81 -18.41 -32.23
N CYS A 613 -15.56 -18.51 -32.68
CA CYS A 613 -15.19 -18.70 -34.10
C CYS A 613 -14.79 -20.18 -34.31
N SER A 614 -14.91 -20.69 -35.54
CA SER A 614 -14.50 -22.07 -35.85
C SER A 614 -14.31 -22.25 -37.37
N ASN A 615 -13.28 -23.00 -37.74
CA ASN A 615 -13.14 -23.63 -39.07
C ASN A 615 -13.11 -25.16 -38.85
N SER A 616 -12.54 -25.90 -39.80
CA SER A 616 -12.50 -27.38 -39.83
C SER A 616 -11.70 -27.95 -38.66
N LYS A 617 -10.65 -27.23 -38.20
CA LYS A 617 -9.56 -27.77 -37.34
C LYS A 617 -9.49 -27.08 -35.97
N LYS A 618 -9.69 -25.76 -35.92
CA LYS A 618 -9.54 -24.91 -34.71
C LYS A 618 -10.91 -24.38 -34.25
N VAL A 619 -11.01 -24.16 -32.95
CA VAL A 619 -12.05 -23.31 -32.32
C VAL A 619 -11.35 -22.28 -31.42
N TRP A 620 -11.72 -21.02 -31.55
CA TRP A 620 -11.14 -19.93 -30.73
C TRP A 620 -12.20 -18.90 -30.37
N TYR A 621 -11.90 -18.07 -29.38
CA TYR A 621 -12.66 -16.85 -29.07
C TYR A 621 -11.91 -15.64 -29.65
N GLU A 622 -12.65 -14.67 -30.17
CA GLU A 622 -12.20 -13.26 -30.31
C GLU A 622 -13.02 -12.42 -29.32
N TRP A 623 -12.47 -11.33 -28.79
CA TRP A 623 -13.24 -10.43 -27.86
C TRP A 623 -12.73 -8.99 -27.97
N ALA A 624 -13.64 -8.02 -27.95
CA ALA A 624 -13.36 -6.58 -27.99
C ALA A 624 -14.16 -5.85 -26.92
N VAL A 625 -13.74 -4.63 -26.58
CA VAL A 625 -14.49 -3.68 -25.73
C VAL A 625 -14.90 -2.54 -26.66
N THR A 626 -16.18 -2.18 -26.67
CA THR A 626 -16.72 -1.14 -27.58
C THR A 626 -17.09 0.12 -26.77
N ALA A 627 -17.12 0.02 -25.45
CA ALA A 627 -17.47 1.11 -24.51
C ALA A 627 -16.91 0.84 -23.13
N PRO A 628 -16.54 1.88 -22.35
CA PRO A 628 -16.76 3.27 -22.74
C PRO A 628 -15.94 3.70 -23.96
N VAL A 629 -14.68 3.28 -24.04
CA VAL A 629 -13.80 3.43 -25.24
C VAL A 629 -13.85 2.11 -26.03
N CYS A 630 -13.35 2.11 -27.27
CA CYS A 630 -13.09 0.85 -28.05
C CYS A 630 -11.70 0.28 -27.70
N SER A 631 -11.64 -1.03 -27.47
CA SER A 631 -10.38 -1.81 -27.39
C SER A 631 -10.04 -2.35 -28.78
N ALA A 632 -8.87 -2.98 -28.90
CA ALA A 632 -8.44 -3.72 -30.11
C ALA A 632 -9.05 -5.12 -30.01
N ILE A 633 -9.52 -5.66 -31.16
CA ILE A 633 -10.10 -7.03 -31.26
C ILE A 633 -9.01 -8.04 -30.90
N HIS A 634 -9.22 -8.80 -29.82
CA HIS A 634 -8.22 -9.75 -29.27
C HIS A 634 -8.36 -11.11 -29.96
N ASN A 635 -7.24 -11.65 -30.43
CA ASN A 635 -7.09 -13.04 -30.97
C ASN A 635 -7.81 -13.18 -32.30
N PRO A 636 -7.71 -12.21 -33.23
CA PRO A 636 -8.28 -12.37 -34.56
C PRO A 636 -7.73 -13.61 -35.28
N THR A 637 -8.61 -14.37 -35.94
CA THR A 637 -8.23 -15.59 -36.71
C THR A 637 -7.40 -16.51 -35.80
N GLY A 638 -7.85 -16.74 -34.56
CA GLY A 638 -7.21 -17.59 -33.54
C GLY A 638 -5.68 -17.51 -33.55
N ARG A 639 -5.10 -16.38 -33.95
CA ARG A 639 -3.66 -16.23 -34.26
C ARG A 639 -2.83 -16.43 -32.99
N SER A 640 -3.38 -16.16 -31.82
CA SER A 640 -2.65 -16.23 -30.54
C SER A 640 -3.17 -17.38 -29.68
N TYR A 641 -4.42 -17.80 -29.90
CA TYR A 641 -5.03 -18.91 -29.13
C TYR A 641 -6.08 -19.61 -29.99
N THR A 642 -5.88 -20.91 -30.23
CA THR A 642 -6.86 -21.83 -30.84
C THR A 642 -7.04 -23.04 -29.94
N ILE A 643 -8.16 -23.74 -30.11
CA ILE A 643 -8.49 -25.01 -29.44
C ILE A 643 -8.62 -26.08 -30.54
N GLY A 644 -7.75 -27.09 -30.46
CA GLY A 644 -7.68 -28.15 -31.47
C GLY A 644 -8.94 -28.95 -31.41
N LEU A 645 -9.44 -29.33 -32.59
CA LEU A 645 -10.60 -30.26 -32.76
C LEU A 645 -10.08 -31.70 -32.89
N GLU B 36 28.95 13.80 19.76
CA GLU B 36 27.86 14.53 19.03
C GLU B 36 28.44 15.79 18.35
N ARG B 37 28.70 15.70 17.04
CA ARG B 37 29.37 16.73 16.22
C ARG B 37 28.33 17.76 15.76
N GLN B 38 27.08 17.32 15.55
CA GLN B 38 26.01 18.14 14.94
C GLN B 38 25.30 18.92 16.05
N LEU B 39 25.74 20.16 16.31
CA LEU B 39 25.15 21.08 17.32
C LEU B 39 23.86 21.65 16.74
N GLU B 40 22.75 21.56 17.48
CA GLU B 40 21.39 21.77 16.93
C GLU B 40 20.81 23.12 17.42
N ALA B 41 20.93 23.39 18.72
CA ALA B 41 20.39 24.60 19.39
C ALA B 41 21.50 25.31 20.16
N ALA B 42 21.40 26.64 20.25
CA ALA B 42 22.35 27.54 20.95
C ALA B 42 21.58 28.72 21.59
N ARG B 43 21.20 28.58 22.88
CA ARG B 43 20.31 29.53 23.62
C ARG B 43 21.04 30.09 24.85
N TYR B 44 21.37 31.39 24.84
CA TYR B 44 21.88 32.17 26.00
C TYR B 44 20.80 32.34 27.08
N ARG B 45 21.15 32.03 28.35
CA ARG B 45 20.32 32.35 29.54
C ARG B 45 20.30 33.87 29.73
N SER B 46 19.48 34.37 30.67
CA SER B 46 19.39 35.81 31.05
C SER B 46 20.45 36.14 32.12
N ASP B 47 21.66 35.58 31.98
CA ASP B 47 22.81 35.82 32.89
C ASP B 47 24.15 35.46 32.20
N GLY B 48 24.24 35.53 30.86
CA GLY B 48 25.49 35.35 30.10
C GLY B 48 25.88 33.90 29.86
N ALA B 49 25.25 32.95 30.56
CA ALA B 49 25.46 31.49 30.45
C ALA B 49 24.97 31.02 29.08
N LEU B 50 25.45 29.87 28.60
CA LEU B 50 25.14 29.33 27.25
C LEU B 50 24.62 27.89 27.36
N LEU B 51 23.52 27.59 26.66
CA LEU B 51 22.94 26.22 26.52
C LEU B 51 23.21 25.73 25.11
N LEU B 52 23.71 24.49 24.98
CA LEU B 52 24.02 23.82 23.70
C LEU B 52 23.26 22.50 23.62
N GLY B 53 22.55 22.31 22.51
CA GLY B 53 21.84 21.08 22.15
C GLY B 53 22.46 20.46 20.92
N ALA B 54 22.83 19.19 21.03
CA ALA B 54 23.59 18.46 19.98
C ALA B 54 22.95 17.09 19.77
N SER B 55 23.02 16.61 18.53
CA SER B 55 22.66 15.24 18.09
C SER B 55 23.81 14.68 17.24
N SER B 56 23.98 13.35 17.24
CA SER B 56 24.82 12.61 16.26
C SER B 56 23.93 12.11 15.13
N LEU B 57 24.16 12.65 13.93
CA LEU B 57 23.41 12.37 12.67
C LEU B 57 24.23 11.46 11.75
N SER B 58 25.05 10.57 12.34
CA SER B 58 25.94 9.63 11.61
C SER B 58 26.82 8.88 12.61
N GLY B 59 27.26 7.67 12.22
CA GLY B 59 28.07 6.76 13.05
C GLY B 59 27.22 5.71 13.74
N ARG B 60 27.85 4.85 14.52
CA ARG B 60 27.19 3.73 15.24
C ARG B 60 25.94 4.24 15.98
N CYS B 61 26.13 5.24 16.86
CA CYS B 61 25.09 5.81 17.77
C CYS B 61 24.47 7.08 17.17
N TRP B 62 23.13 7.13 17.13
CA TRP B 62 22.31 8.31 16.72
C TRP B 62 21.63 8.88 17.97
N ALA B 63 22.41 9.52 18.83
CA ALA B 63 22.03 9.99 20.18
C ALA B 63 22.00 11.52 20.20
N GLY B 64 21.97 12.08 21.40
CA GLY B 64 21.87 13.53 21.64
C GLY B 64 22.29 13.90 23.06
N SER B 65 22.62 15.16 23.26
CA SER B 65 23.14 15.71 24.53
C SER B 65 22.64 17.14 24.76
N LEU B 66 22.71 17.57 26.01
CA LEU B 66 22.48 18.96 26.45
C LEU B 66 23.71 19.40 27.27
N TRP B 67 24.29 20.56 26.94
CA TRP B 67 25.50 21.08 27.63
C TRP B 67 25.24 22.51 28.14
N LEU B 68 25.84 22.88 29.28
CA LEU B 68 25.79 24.24 29.86
C LEU B 68 27.23 24.77 30.04
N PHE B 69 27.48 25.99 29.56
CA PHE B 69 28.80 26.68 29.50
C PHE B 69 28.71 28.06 30.17
N LYS B 70 29.11 28.13 31.44
CA LYS B 70 29.14 29.40 32.23
C LYS B 70 30.25 30.31 31.69
N ASP B 71 31.21 29.76 30.92
CA ASP B 71 32.15 30.53 30.06
C ASP B 71 31.73 30.35 28.60
N PRO B 72 31.06 31.36 27.98
CA PRO B 72 30.53 31.21 26.62
C PRO B 72 31.61 31.18 25.52
N CYS B 73 32.83 31.61 25.84
CA CYS B 73 34.02 31.60 24.94
C CYS B 73 34.75 30.25 25.00
N ALA B 74 34.38 29.35 25.93
CA ALA B 74 35.07 28.06 26.20
C ALA B 74 34.38 26.91 25.48
N ALA B 75 33.40 27.21 24.62
CA ALA B 75 32.63 26.23 23.81
C ALA B 75 33.28 26.12 22.42
N PRO B 76 33.11 24.99 21.70
CA PRO B 76 32.29 23.86 22.15
C PRO B 76 32.99 22.81 23.03
N ASN B 77 34.16 23.13 23.59
CA ASN B 77 35.06 22.17 24.31
C ASN B 77 34.35 21.53 25.51
N GLU B 78 34.17 20.20 25.48
CA GLU B 78 33.49 19.36 26.51
C GLU B 78 34.15 19.49 27.89
N GLY B 79 35.46 19.75 27.94
CA GLY B 79 36.27 19.71 29.18
C GLY B 79 36.13 20.96 30.04
N PHE B 80 35.85 22.11 29.40
CA PHE B 80 35.59 23.42 30.05
C PHE B 80 34.08 23.73 29.93
N CYS B 81 33.22 22.82 30.41
CA CYS B 81 31.74 22.97 30.48
C CYS B 81 31.29 22.82 31.93
N SER B 82 30.36 23.68 32.38
CA SER B 82 29.81 23.67 33.76
C SER B 82 29.00 22.38 33.99
N ALA B 83 28.16 21.96 33.03
CA ALA B 83 27.25 20.80 33.19
C ALA B 83 26.84 20.24 31.82
N GLY B 84 26.66 18.92 31.73
CA GLY B 84 26.32 18.17 30.50
C GLY B 84 25.61 16.86 30.79
N VAL B 85 24.84 16.36 29.81
CA VAL B 85 24.05 15.09 29.93
C VAL B 85 23.78 14.51 28.53
N GLN B 86 23.69 13.18 28.46
CA GLN B 86 23.31 12.38 27.27
C GLN B 86 21.80 12.09 27.32
N THR B 87 21.04 12.57 26.33
CA THR B 87 19.63 12.14 26.13
C THR B 87 19.59 10.70 25.60
N GLU B 88 18.44 10.04 25.73
CA GLU B 88 18.08 8.75 25.08
C GLU B 88 18.48 8.79 23.60
N ALA B 89 18.15 9.89 22.92
CA ALA B 89 18.20 10.06 21.44
C ALA B 89 18.41 11.54 21.09
N GLY B 90 18.47 11.82 19.79
CA GLY B 90 18.80 13.16 19.25
C GLY B 90 17.91 14.26 19.82
N VAL B 91 18.30 15.50 19.59
CA VAL B 91 17.44 16.71 19.81
C VAL B 91 17.27 17.36 18.44
N ALA B 92 16.05 17.82 18.13
CA ALA B 92 15.67 18.48 16.86
C ALA B 92 15.47 19.99 17.10
N ASP B 93 14.98 20.33 18.29
CA ASP B 93 14.74 21.71 18.77
C ASP B 93 14.85 21.71 20.30
N LEU B 94 15.11 22.88 20.88
CA LEU B 94 15.43 23.03 22.33
C LEU B 94 15.16 24.47 22.75
N THR B 95 14.40 24.66 23.84
CA THR B 95 14.14 25.99 24.45
C THR B 95 14.41 25.96 25.96
N TRP B 96 14.76 27.13 26.53
CA TRP B 96 14.82 27.37 27.99
C TRP B 96 13.39 27.37 28.55
N VAL B 97 13.19 26.95 29.80
CA VAL B 97 11.89 27.11 30.55
C VAL B 97 12.20 27.84 31.86
N GLY B 98 12.56 29.11 31.73
CA GLY B 98 13.01 29.95 32.85
C GLY B 98 14.52 29.95 32.97
N GLU B 99 15.03 29.54 34.14
CA GLU B 99 16.45 29.66 34.54
C GLU B 99 17.07 28.28 34.83
N ARG B 100 16.26 27.28 35.22
CA ARG B 100 16.70 25.89 35.52
C ARG B 100 16.18 24.92 34.45
N GLY B 101 15.00 25.15 33.89
CA GLY B 101 14.31 24.18 33.03
C GLY B 101 14.83 24.21 31.61
N ILE B 102 14.94 23.04 30.97
CA ILE B 102 15.24 22.85 29.51
C ILE B 102 14.12 21.99 28.90
N LEU B 103 13.49 22.45 27.82
CA LEU B 103 12.44 21.70 27.09
C LEU B 103 13.01 21.17 25.77
N VAL B 104 12.90 19.86 25.55
CA VAL B 104 13.57 19.13 24.42
C VAL B 104 12.50 18.58 23.48
N ALA B 105 12.78 18.63 22.18
CA ALA B 105 12.02 17.95 21.11
C ALA B 105 12.85 16.77 20.57
N SER B 106 12.66 15.59 21.16
CA SER B 106 13.44 14.36 20.85
C SER B 106 12.87 13.72 19.58
N ASP B 107 13.74 13.04 18.82
CA ASP B 107 13.40 12.24 17.61
C ASP B 107 12.43 11.12 18.01
N SER B 108 12.54 10.61 19.24
CA SER B 108 11.72 9.50 19.82
C SER B 108 10.22 9.76 19.68
N GLY B 109 9.82 11.04 19.59
CA GLY B 109 8.42 11.51 19.65
C GLY B 109 8.10 12.07 21.02
N ALA B 110 9.02 11.86 21.98
CA ALA B 110 8.94 12.38 23.37
C ALA B 110 9.24 13.88 23.36
N VAL B 111 8.50 14.61 24.19
CA VAL B 111 8.89 15.93 24.74
C VAL B 111 9.50 15.67 26.12
N GLU B 112 10.73 16.12 26.33
CA GLU B 112 11.51 15.90 27.58
C GLU B 112 11.67 17.23 28.30
N LEU B 113 11.51 17.23 29.63
CA LEU B 113 11.86 18.39 30.49
C LEU B 113 13.03 17.97 31.38
N TRP B 114 14.14 18.71 31.32
CA TRP B 114 15.38 18.47 32.09
C TRP B 114 15.57 19.61 33.10
N GLU B 115 15.39 19.32 34.38
CA GLU B 115 15.59 20.26 35.51
C GLU B 115 17.11 20.36 35.78
N LEU B 116 17.66 21.58 35.76
CA LEU B 116 19.07 21.87 36.15
C LEU B 116 19.20 21.51 37.64
N ASP B 117 20.41 21.18 38.09
CA ASP B 117 20.69 20.74 39.49
C ASP B 117 20.45 21.93 40.42
N GLU B 118 20.53 21.69 41.74
CA GLU B 118 20.58 22.72 42.81
C GLU B 118 21.82 23.62 42.63
N ASN B 119 22.98 23.02 42.32
CA ASN B 119 24.29 23.72 42.15
C ASN B 119 24.65 23.85 40.65
N GLU B 120 23.71 23.53 39.75
CA GLU B 120 23.82 23.68 38.28
C GLU B 120 24.96 22.81 37.74
N THR B 121 25.35 21.77 38.47
CA THR B 121 26.44 20.81 38.15
C THR B 121 25.88 19.67 37.29
N LEU B 122 24.67 19.18 37.64
CA LEU B 122 23.97 18.06 36.96
C LEU B 122 22.77 18.60 36.16
N ILE B 123 22.29 17.81 35.19
CA ILE B 123 21.04 18.06 34.39
C ILE B 123 20.18 16.80 34.48
N VAL B 124 19.26 16.75 35.44
CA VAL B 124 18.38 15.56 35.70
C VAL B 124 17.10 15.71 34.87
N SER B 125 16.59 14.60 34.33
CA SER B 125 15.26 14.52 33.64
C SER B 125 14.17 14.87 34.65
N LYS B 126 13.34 15.85 34.34
CA LYS B 126 12.13 16.17 35.13
C LYS B 126 11.03 15.20 34.69
N PHE B 127 10.65 15.23 33.40
CA PHE B 127 9.68 14.28 32.77
C PHE B 127 10.13 13.92 31.34
N CYS B 128 9.73 12.73 30.89
CA CYS B 128 9.89 12.23 29.50
C CYS B 128 8.57 11.59 29.05
N LYS B 129 7.88 12.20 28.06
CA LYS B 129 6.46 11.85 27.73
C LYS B 129 6.30 11.65 26.22
N TYR B 130 6.16 10.39 25.83
CA TYR B 130 6.00 9.94 24.43
C TYR B 130 4.56 10.14 24.01
N GLU B 131 4.26 11.31 23.44
CA GLU B 131 2.88 11.64 23.02
C GLU B 131 2.82 11.85 21.50
N HIS B 132 3.94 12.12 20.83
CA HIS B 132 3.99 12.25 19.35
C HIS B 132 4.28 10.89 18.69
N ASP B 133 3.95 10.77 17.40
CA ASP B 133 4.00 9.49 16.64
C ASP B 133 5.08 9.59 15.55
N ASP B 134 5.86 10.67 15.59
CA ASP B 134 7.07 10.85 14.76
C ASP B 134 7.97 11.83 15.50
N ILE B 135 9.12 12.16 14.90
CA ILE B 135 10.07 13.22 15.37
C ILE B 135 9.23 14.42 15.83
N VAL B 136 9.49 14.88 17.06
CA VAL B 136 9.10 16.24 17.55
C VAL B 136 10.14 17.18 16.93
N SER B 137 9.72 18.03 16.00
CA SER B 137 10.61 18.84 15.15
C SER B 137 10.83 20.21 15.80
N THR B 138 9.85 20.73 16.54
CA THR B 138 9.89 22.10 17.13
C THR B 138 9.20 22.16 18.49
N VAL B 139 9.73 23.02 19.37
CA VAL B 139 9.09 23.43 20.66
C VAL B 139 9.32 24.92 20.87
N SER B 140 8.47 25.46 21.74
CA SER B 140 8.25 26.91 22.03
C SER B 140 7.53 27.00 23.38
N VAL B 141 8.05 27.80 24.31
CA VAL B 141 7.41 28.02 25.65
C VAL B 141 6.48 29.23 25.54
N LEU B 142 5.26 29.13 26.09
CA LEU B 142 4.24 30.21 26.00
C LEU B 142 4.58 31.35 26.98
N SER B 143 4.05 32.55 26.71
CA SER B 143 4.34 33.79 27.47
C SER B 143 4.35 33.51 28.98
N SER B 144 3.41 32.70 29.48
CA SER B 144 3.33 32.30 30.90
C SER B 144 4.64 31.59 31.29
N GLY B 145 4.92 30.40 30.76
CA GLY B 145 6.12 29.62 31.11
C GLY B 145 5.81 28.49 32.09
N THR B 146 4.53 28.21 32.32
CA THR B 146 4.01 26.97 32.96
C THR B 146 3.20 26.17 31.93
N GLN B 147 3.19 26.62 30.67
CA GLN B 147 2.57 25.96 29.49
C GLN B 147 3.56 26.03 28.30
N ALA B 148 3.42 25.12 27.34
CA ALA B 148 4.26 25.07 26.11
C ALA B 148 3.53 24.32 24.97
N VAL B 149 3.80 24.75 23.75
CA VAL B 149 3.35 24.10 22.49
C VAL B 149 4.53 23.30 21.91
N SER B 150 4.23 22.29 21.08
CA SER B 150 5.20 21.38 20.44
C SER B 150 4.67 20.95 19.07
N GLY B 151 5.35 21.31 17.97
CA GLY B 151 5.06 20.78 16.62
C GLY B 151 5.70 19.41 16.42
N SER B 152 5.25 18.63 15.44
CA SER B 152 5.85 17.30 15.15
C SER B 152 5.85 16.99 13.64
N LYS B 153 6.36 15.82 13.29
CA LYS B 153 6.38 15.30 11.90
C LYS B 153 5.13 14.45 11.64
N ASP B 154 4.32 14.24 12.69
CA ASP B 154 3.01 13.54 12.61
C ASP B 154 1.88 14.54 12.27
N ILE B 155 2.24 15.82 12.06
CA ILE B 155 1.35 16.92 11.57
C ILE B 155 0.56 17.51 12.75
N CYS B 156 0.56 16.85 13.90
CA CYS B 156 -0.14 17.32 15.13
C CYS B 156 0.66 18.45 15.80
N ILE B 157 -0.07 19.46 16.28
CA ILE B 157 0.41 20.44 17.29
C ILE B 157 -0.19 20.03 18.64
N LYS B 158 0.50 20.27 19.74
CA LYS B 158 0.03 19.91 21.10
C LYS B 158 0.35 21.06 22.05
N VAL B 159 -0.52 21.30 23.03
CA VAL B 159 -0.28 22.30 24.12
C VAL B 159 -0.09 21.53 25.42
N TRP B 160 1.08 21.75 26.06
CA TRP B 160 1.56 21.01 27.24
C TRP B 160 1.29 21.83 28.51
N ASP B 161 0.93 21.16 29.62
CA ASP B 161 1.06 21.73 30.98
C ASP B 161 2.35 21.18 31.59
N LEU B 162 3.37 22.04 31.66
CA LEU B 162 4.73 21.70 32.16
C LEU B 162 4.67 21.44 33.68
N ALA B 163 3.64 21.98 34.36
CA ALA B 163 3.36 21.77 35.79
C ALA B 163 2.75 20.37 35.98
N GLN B 164 1.55 20.13 35.45
CA GLN B 164 0.79 18.84 35.56
C GLN B 164 1.49 17.74 34.75
N GLN B 165 2.33 18.09 33.77
CA GLN B 165 3.12 17.15 32.92
C GLN B 165 2.18 16.25 32.10
N VAL B 166 1.16 16.86 31.48
CA VAL B 166 0.19 16.17 30.56
C VAL B 166 -0.07 17.08 29.35
N VAL B 167 -0.73 16.54 28.33
CA VAL B 167 -1.15 17.27 27.10
C VAL B 167 -2.54 17.85 27.35
N LEU B 168 -2.74 19.17 27.22
CA LEU B 168 -4.06 19.80 27.42
C LEU B 168 -4.90 19.60 26.16
N SER B 169 -4.38 20.07 25.03
CA SER B 169 -5.03 20.12 23.69
C SER B 169 -4.17 19.33 22.72
N SER B 170 -4.79 18.73 21.70
CA SER B 170 -4.09 18.08 20.56
C SER B 170 -4.78 18.47 19.26
N TYR B 171 -4.10 19.23 18.42
CA TYR B 171 -4.65 19.86 17.19
C TYR B 171 -3.97 19.27 15.95
N ARG B 172 -4.71 18.58 15.10
CA ARG B 172 -4.26 18.24 13.73
C ARG B 172 -4.74 19.34 12.79
N ALA B 173 -4.00 20.44 12.71
CA ALA B 173 -4.40 21.61 11.90
C ALA B 173 -3.97 21.37 10.45
N HIS B 174 -2.75 20.87 10.30
CA HIS B 174 -1.98 20.89 9.02
C HIS B 174 -2.22 19.62 8.19
N ALA B 175 -1.69 19.61 6.97
CA ALA B 175 -1.81 18.53 5.98
C ALA B 175 -0.42 17.91 5.71
N ALA B 176 0.54 18.19 6.59
CA ALA B 176 1.98 17.87 6.37
C ALA B 176 2.75 18.11 7.68
N GLN B 177 4.00 17.64 7.75
CA GLN B 177 4.81 17.62 8.99
C GLN B 177 5.09 19.06 9.43
N VAL B 178 5.00 19.32 10.74
CA VAL B 178 4.94 20.69 11.35
C VAL B 178 6.37 21.25 11.43
N THR B 179 6.71 22.17 10.51
CA THR B 179 8.09 22.68 10.32
C THR B 179 8.48 23.47 11.58
N CYS B 180 7.77 24.54 11.92
CA CYS B 180 8.12 25.47 13.03
C CYS B 180 6.87 25.87 13.82
N VAL B 181 7.00 25.97 15.15
CA VAL B 181 6.00 26.61 16.05
C VAL B 181 6.73 27.66 16.89
N ALA B 182 6.14 28.84 17.08
CA ALA B 182 6.71 29.97 17.82
C ALA B 182 5.61 30.63 18.63
N ALA B 183 5.67 30.52 19.96
CA ALA B 183 4.75 31.17 20.93
C ALA B 183 4.77 32.69 20.72
N SER B 184 3.61 33.34 20.79
CA SER B 184 3.52 34.81 20.98
C SER B 184 4.36 35.17 22.19
N PRO B 185 5.16 36.26 22.09
CA PRO B 185 5.98 36.70 23.23
C PRO B 185 5.13 37.10 24.45
N HIS B 186 3.97 37.69 24.22
CA HIS B 186 3.21 38.44 25.25
C HIS B 186 1.87 37.77 25.60
N LYS B 187 1.18 37.17 24.62
CA LYS B 187 -0.12 36.49 24.84
C LYS B 187 0.10 34.98 24.82
N ASP B 188 -0.47 34.26 25.78
CA ASP B 188 -0.30 32.79 25.96
C ASP B 188 -1.11 32.04 24.90
N SER B 189 -2.43 32.21 24.86
CA SER B 189 -3.36 31.52 23.92
C SER B 189 -2.88 31.67 22.47
N VAL B 190 -2.12 32.73 22.15
CA VAL B 190 -1.68 33.08 20.76
C VAL B 190 -0.29 32.49 20.47
N PHE B 191 -0.09 31.98 19.25
CA PHE B 191 1.20 31.49 18.70
C PHE B 191 1.10 31.19 17.20
N LEU B 192 2.24 31.10 16.54
CA LEU B 192 2.35 30.75 15.10
C LEU B 192 2.76 29.28 14.99
N SER B 193 2.30 28.61 13.92
CA SER B 193 2.89 27.37 13.37
C SER B 193 2.92 27.47 11.84
N CYS B 194 4.00 27.00 11.22
CA CYS B 194 4.06 26.82 9.75
C CYS B 194 4.43 25.35 9.47
N SER B 195 4.33 24.92 8.22
CA SER B 195 4.32 23.49 7.87
C SER B 195 4.50 23.30 6.36
N GLU B 196 4.90 22.09 6.00
CA GLU B 196 5.21 21.68 4.60
C GLU B 196 3.93 21.68 3.74
N ASP B 197 2.74 21.86 4.34
CA ASP B 197 1.48 22.01 3.55
C ASP B 197 1.36 23.47 3.09
N ASN B 198 2.41 24.27 3.29
CA ASN B 198 2.57 25.66 2.78
C ASN B 198 1.67 26.60 3.58
N ARG B 199 1.10 26.14 4.69
CA ARG B 199 0.23 26.97 5.55
C ARG B 199 1.10 27.68 6.61
N ILE B 200 0.79 28.94 6.91
CA ILE B 200 1.25 29.63 8.14
C ILE B 200 -0.01 29.95 8.95
N LEU B 201 -0.12 29.37 10.15
CA LEU B 201 -1.30 29.43 11.05
C LEU B 201 -1.00 30.37 12.21
N LEU B 202 -1.84 31.39 12.39
CA LEU B 202 -1.90 32.22 13.61
C LEU B 202 -2.95 31.58 14.53
N TRP B 203 -2.54 31.16 15.72
CA TRP B 203 -3.41 30.46 16.70
C TRP B 203 -3.89 31.45 17.74
N ASP B 204 -4.97 31.10 18.44
CA ASP B 204 -5.57 31.84 19.57
C ASP B 204 -6.47 30.82 20.27
N THR B 205 -5.96 30.20 21.33
CA THR B 205 -6.62 29.11 22.09
C THR B 205 -7.82 29.61 22.91
N ARG B 206 -8.48 30.69 22.46
CA ARG B 206 -9.65 31.28 23.15
C ARG B 206 -10.87 31.21 22.22
N CYS B 207 -10.66 30.75 20.99
CA CYS B 207 -11.70 30.65 19.92
C CYS B 207 -12.21 29.23 19.85
N PRO B 208 -13.36 28.99 19.17
CA PRO B 208 -13.82 27.64 18.90
C PRO B 208 -13.04 27.04 17.71
N LYS B 209 -12.68 27.87 16.72
CA LYS B 209 -11.75 27.48 15.60
C LYS B 209 -10.40 28.18 15.80
N PRO B 210 -9.51 27.63 16.66
CA PRO B 210 -8.35 28.37 17.16
C PRO B 210 -7.35 28.82 16.09
N ALA B 211 -7.19 28.09 14.99
CA ALA B 211 -6.16 28.38 13.96
C ALA B 211 -6.74 29.33 12.91
N SER B 212 -5.88 30.00 12.15
CA SER B 212 -6.24 31.03 11.14
C SER B 212 -5.08 31.22 10.13
N GLN B 213 -5.36 30.91 8.85
CA GLN B 213 -4.39 30.85 7.72
C GLN B 213 -4.10 32.27 7.24
N ILE B 214 -2.83 32.66 7.18
CA ILE B 214 -2.41 34.03 6.76
C ILE B 214 -1.13 33.92 5.94
N GLY B 215 -0.73 35.02 5.29
CA GLY B 215 0.51 35.12 4.50
C GLY B 215 0.27 35.84 3.19
N CYS B 216 1.30 35.89 2.34
CA CYS B 216 1.35 36.60 1.03
C CYS B 216 0.16 36.25 0.15
N SER B 217 0.00 36.98 -0.97
CA SER B 217 -1.12 36.92 -1.93
C SER B 217 -1.35 35.48 -2.45
N ALA B 218 -0.39 34.95 -3.23
CA ALA B 218 -0.45 33.59 -3.81
C ALA B 218 0.14 32.59 -2.82
N PRO B 219 0.07 31.27 -3.09
CA PRO B 219 0.86 30.28 -2.35
C PRO B 219 2.35 30.47 -2.69
N GLY B 220 3.09 31.18 -1.83
CA GLY B 220 4.55 31.33 -1.94
C GLY B 220 5.22 29.99 -1.64
N TYR B 221 6.55 29.91 -1.74
CA TYR B 221 7.33 28.70 -1.37
C TYR B 221 7.09 28.37 0.10
N LEU B 222 7.56 27.20 0.55
CA LEU B 222 7.24 26.66 1.90
C LEU B 222 7.84 27.57 2.98
N PRO B 223 7.09 27.88 4.06
CA PRO B 223 7.68 28.49 5.25
C PRO B 223 8.59 27.49 5.98
N THR B 224 9.63 27.99 6.68
CA THR B 224 10.67 27.17 7.36
C THR B 224 10.86 27.65 8.81
N SER B 225 11.01 28.95 9.07
CA SER B 225 11.26 29.51 10.43
C SER B 225 10.39 30.74 10.72
N LEU B 226 9.99 30.92 11.99
CA LEU B 226 9.06 31.98 12.46
C LEU B 226 9.66 32.73 13.65
N ALA B 227 9.97 34.01 13.45
CA ALA B 227 10.41 34.92 14.53
C ALA B 227 9.28 35.91 14.79
N TRP B 228 8.83 35.94 16.05
CA TRP B 228 7.95 37.01 16.57
C TRP B 228 8.79 38.29 16.70
N HIS B 229 8.20 39.46 16.39
CA HIS B 229 8.81 40.79 16.69
C HIS B 229 8.75 41.00 18.19
N PRO B 230 9.84 41.47 18.84
CA PRO B 230 9.88 41.60 20.30
C PRO B 230 9.03 42.77 20.83
N GLN B 231 8.83 43.82 20.02
CA GLN B 231 8.23 45.11 20.46
C GLN B 231 7.17 45.64 19.47
N GLN B 232 6.42 44.74 18.81
CA GLN B 232 5.21 45.08 18.00
C GLN B 232 4.33 43.83 17.82
N SER B 233 3.82 43.20 18.89
CA SER B 233 3.21 41.83 18.89
C SER B 233 2.20 41.62 17.73
N GLU B 234 1.87 42.69 17.02
CA GLU B 234 1.04 42.71 15.77
C GLU B 234 1.78 42.02 14.61
N VAL B 235 3.11 42.12 14.52
CA VAL B 235 3.90 41.72 13.32
C VAL B 235 4.92 40.61 13.66
N PHE B 236 5.34 39.88 12.63
CA PHE B 236 6.35 38.79 12.69
C PHE B 236 7.06 38.69 11.34
N VAL B 237 8.07 37.82 11.26
CA VAL B 237 8.81 37.46 10.01
C VAL B 237 8.88 35.93 9.89
N PHE B 238 8.74 35.42 8.65
CA PHE B 238 8.89 33.98 8.29
C PHE B 238 9.95 33.82 7.19
N GLY B 239 10.83 32.83 7.36
CA GLY B 239 11.83 32.44 6.34
C GLY B 239 11.30 31.30 5.50
N ASP B 240 11.44 31.37 4.17
CA ASP B 240 10.97 30.31 3.25
C ASP B 240 12.14 29.37 2.87
N GLU B 241 11.85 28.32 2.10
CA GLU B 241 12.82 27.26 1.70
C GLU B 241 13.72 27.75 0.54
N ASN B 242 13.38 28.87 -0.10
CA ASN B 242 14.11 29.45 -1.27
C ASN B 242 14.92 30.69 -0.84
N GLY B 243 15.25 30.80 0.45
CA GLY B 243 16.13 31.86 1.00
C GLY B 243 15.55 33.25 0.88
N THR B 244 14.27 33.43 1.24
CA THR B 244 13.54 34.73 1.25
C THR B 244 12.89 34.90 2.62
N VAL B 245 13.44 35.79 3.46
CA VAL B 245 12.79 36.24 4.72
C VAL B 245 11.75 37.28 4.34
N SER B 246 10.52 37.11 4.82
CA SER B 246 9.34 38.00 4.57
C SER B 246 8.88 38.61 5.91
N LEU B 247 8.29 39.82 5.85
CA LEU B 247 7.73 40.57 7.01
C LEU B 247 6.21 40.70 6.89
N VAL B 248 5.49 40.28 7.93
CA VAL B 248 4.01 40.11 7.91
C VAL B 248 3.41 40.88 9.08
N ASP B 249 2.36 41.67 8.79
CA ASP B 249 1.51 42.42 9.76
C ASP B 249 0.15 41.71 9.86
N THR B 250 -0.16 41.12 11.01
CA THR B 250 -1.40 40.32 11.25
C THR B 250 -2.62 41.23 11.04
N LYS B 251 -2.61 42.41 11.67
CA LYS B 251 -3.58 43.51 11.43
C LYS B 251 -3.88 43.60 9.93
N SER B 252 -2.88 43.96 9.11
CA SER B 252 -2.97 44.20 7.64
C SER B 252 -3.15 42.88 6.88
N THR B 253 -2.77 41.75 7.51
CA THR B 253 -2.77 40.36 6.98
C THR B 253 -2.31 40.36 5.51
N SER B 254 -1.29 41.17 5.22
CA SER B 254 -0.68 41.42 3.88
C SER B 254 0.85 41.41 4.04
N CYS B 255 1.58 40.88 3.05
CA CYS B 255 3.06 40.90 3.05
C CYS B 255 3.53 42.33 2.77
N VAL B 256 3.96 43.03 3.82
CA VAL B 256 4.43 44.45 3.76
C VAL B 256 5.81 44.50 3.09
N LEU B 257 6.73 43.58 3.43
CA LEU B 257 8.11 43.56 2.88
C LEU B 257 8.71 42.16 2.94
N SER B 258 9.62 41.84 2.00
CA SER B 258 10.39 40.57 1.90
C SER B 258 11.64 40.78 1.06
N SER B 259 12.73 40.07 1.41
CA SER B 259 14.07 40.18 0.77
C SER B 259 14.67 38.80 0.53
N ALA B 260 15.32 38.63 -0.62
CA ALA B 260 16.18 37.47 -0.96
C ALA B 260 17.53 37.63 -0.22
N VAL B 261 17.65 37.00 0.94
CA VAL B 261 18.81 37.09 1.88
C VAL B 261 19.81 35.97 1.56
N HIS B 262 19.33 34.73 1.42
CA HIS B 262 20.16 33.50 1.25
C HIS B 262 19.88 32.88 -0.12
N SER B 263 20.80 32.01 -0.58
CA SER B 263 20.68 31.21 -1.83
C SER B 263 19.78 30.00 -1.55
N GLN B 264 19.88 29.44 -0.34
CA GLN B 264 19.12 28.24 0.12
C GLN B 264 18.20 28.58 1.30
N CYS B 265 17.53 27.54 1.81
CA CYS B 265 16.56 27.50 2.93
C CYS B 265 17.03 28.36 4.12
N VAL B 266 16.07 29.02 4.78
CA VAL B 266 16.26 29.84 6.02
C VAL B 266 15.84 28.98 7.22
N THR B 267 16.79 28.53 8.06
CA THR B 267 16.53 27.47 9.07
C THR B 267 16.19 28.10 10.42
N GLY B 268 16.53 29.37 10.65
CA GLY B 268 16.26 30.00 11.95
C GLY B 268 16.25 31.52 11.90
N LEU B 269 15.41 32.16 12.71
CA LEU B 269 15.33 33.63 12.74
C LEU B 269 15.24 34.13 14.18
N VAL B 270 16.26 34.87 14.61
CA VAL B 270 16.33 35.41 16.00
C VAL B 270 16.50 36.93 15.92
N PHE B 271 15.65 37.64 16.66
CA PHE B 271 15.73 39.11 16.85
C PHE B 271 16.69 39.42 18.00
N SER B 272 17.40 40.55 17.91
CA SER B 272 18.32 41.07 18.96
C SER B 272 17.50 41.63 20.12
N PRO B 273 18.06 41.66 21.35
CA PRO B 273 17.41 42.34 22.48
C PRO B 273 17.53 43.88 22.40
N HIS B 274 18.20 44.39 21.33
CA HIS B 274 18.37 45.82 20.96
C HIS B 274 17.04 46.61 21.01
N SER B 275 17.14 47.91 21.33
CA SER B 275 16.01 48.87 21.46
C SER B 275 15.14 48.81 20.19
N VAL B 276 15.75 49.05 19.02
CA VAL B 276 15.15 48.85 17.67
C VAL B 276 15.86 47.66 17.04
N PRO B 277 15.34 46.42 17.22
CA PRO B 277 16.15 45.20 17.09
C PRO B 277 16.62 44.85 15.67
N PHE B 278 17.81 44.24 15.59
CA PHE B 278 18.35 43.55 14.38
C PHE B 278 17.69 42.18 14.24
N LEU B 279 17.84 41.56 13.06
CA LEU B 279 17.27 40.22 12.75
C LEU B 279 18.37 39.30 12.22
N ALA B 280 18.68 38.24 12.98
CA ALA B 280 19.68 37.21 12.61
C ALA B 280 18.98 36.11 11.78
N SER B 281 19.38 35.93 10.51
CA SER B 281 18.84 34.89 9.58
C SER B 281 19.91 33.80 9.31
N LEU B 282 19.59 32.56 9.73
CA LEU B 282 20.39 31.33 9.49
C LEU B 282 19.93 30.68 8.19
N SER B 283 20.72 29.75 7.65
CA SER B 283 20.50 29.15 6.32
C SER B 283 21.25 27.82 6.17
N GLU B 284 20.94 27.08 5.10
CA GLU B 284 21.60 25.81 4.72
C GLU B 284 22.72 26.13 3.72
N ASP B 285 22.96 27.42 3.45
CA ASP B 285 24.09 27.89 2.62
C ASP B 285 25.27 28.26 3.54
N CYS B 286 25.18 27.91 4.83
CA CYS B 286 26.31 27.97 5.80
C CYS B 286 26.74 29.42 6.01
N SER B 287 25.77 30.34 5.96
CA SER B 287 25.98 31.80 6.16
C SER B 287 24.95 32.35 7.16
N LEU B 288 25.43 33.13 8.13
CA LEU B 288 24.60 34.03 8.99
C LEU B 288 24.54 35.43 8.35
N ALA B 289 23.36 36.04 8.36
CA ALA B 289 23.13 37.46 7.99
C ALA B 289 22.38 38.14 9.12
N VAL B 290 22.73 39.39 9.41
CA VAL B 290 21.98 40.24 10.38
C VAL B 290 21.38 41.41 9.58
N LEU B 291 20.08 41.65 9.78
CA LEU B 291 19.25 42.57 8.97
C LEU B 291 18.66 43.69 9.84
N ASP B 292 18.49 44.87 9.25
CA ASP B 292 17.83 46.05 9.87
C ASP B 292 16.31 45.81 9.86
N SER B 293 15.53 46.79 10.31
CA SER B 293 14.05 46.74 10.33
C SER B 293 13.50 46.63 8.89
N SER B 294 14.21 47.21 7.89
CA SER B 294 13.77 47.28 6.47
C SER B 294 14.33 46.09 5.64
N LEU B 295 14.85 45.06 6.31
CA LEU B 295 15.39 43.79 5.71
C LEU B 295 16.42 44.13 4.64
N SER B 296 17.51 44.79 5.06
CA SER B 296 18.73 45.01 4.24
C SER B 296 19.94 44.44 4.97
N GLU B 297 20.91 43.92 4.20
CA GLU B 297 22.04 43.11 4.71
C GLU B 297 23.04 44.03 5.40
N LEU B 298 23.12 43.95 6.73
CA LEU B 298 24.11 44.70 7.57
C LEU B 298 25.40 43.88 7.65
N PHE B 299 25.33 42.68 8.25
CA PHE B 299 26.48 41.76 8.47
C PHE B 299 26.19 40.43 7.75
N ARG B 300 27.26 39.70 7.41
CA ARG B 300 27.24 38.39 6.72
C ARG B 300 28.52 37.63 7.07
N SER B 301 28.37 36.41 7.60
CA SER B 301 29.48 35.55 8.11
C SER B 301 29.54 34.22 7.35
N GLN B 302 30.72 33.88 6.82
CA GLN B 302 31.06 32.60 6.14
C GLN B 302 31.90 31.74 7.11
N ALA B 303 31.85 32.02 8.41
CA ALA B 303 32.70 31.39 9.43
C ALA B 303 32.39 29.90 9.46
N HIS B 304 31.11 29.57 9.46
CA HIS B 304 30.60 28.17 9.35
C HIS B 304 30.88 27.63 7.94
N ARG B 305 31.28 26.37 7.91
CA ARG B 305 31.58 25.60 6.67
C ARG B 305 30.65 24.38 6.57
N ASP B 306 29.71 24.23 7.53
CA ASP B 306 28.49 23.37 7.41
C ASP B 306 27.26 24.24 7.69
N PHE B 307 26.08 23.62 7.82
CA PHE B 307 24.77 24.31 8.04
C PHE B 307 24.80 25.10 9.35
N VAL B 308 24.21 26.29 9.35
CA VAL B 308 24.05 27.16 10.56
C VAL B 308 22.69 26.81 11.19
N ARG B 309 22.70 26.33 12.44
CA ARG B 309 21.54 25.60 13.02
C ARG B 309 20.67 26.54 13.84
N ASP B 310 21.24 27.12 14.89
CA ASP B 310 20.58 28.09 15.82
C ASP B 310 21.48 29.31 16.00
N ALA B 311 21.01 30.32 16.74
CA ALA B 311 21.75 31.55 17.11
C ALA B 311 21.05 32.23 18.29
N THR B 312 21.80 32.72 19.27
CA THR B 312 21.26 33.59 20.35
C THR B 312 22.17 34.78 20.55
N TRP B 313 21.59 35.96 20.82
CA TRP B 313 22.37 37.18 21.17
C TRP B 313 22.79 37.07 22.63
N SER B 314 23.91 37.71 22.98
CA SER B 314 24.37 37.88 24.38
C SER B 314 23.46 38.89 25.08
N PRO B 315 22.94 38.56 26.29
CA PRO B 315 22.16 39.51 27.09
C PRO B 315 23.04 40.55 27.80
N LEU B 316 24.35 40.29 27.85
CA LEU B 316 25.40 41.14 28.48
C LEU B 316 25.84 42.22 27.48
N ASN B 317 26.44 41.82 26.35
CA ASN B 317 26.78 42.72 25.21
C ASN B 317 25.82 42.41 24.06
N HIS B 318 24.96 43.36 23.71
CA HIS B 318 23.87 43.21 22.71
C HIS B 318 24.44 43.22 21.28
N SER B 319 25.74 43.49 21.08
CA SER B 319 26.42 43.48 19.76
C SER B 319 27.31 42.23 19.60
N LEU B 320 27.29 41.34 20.60
CA LEU B 320 27.83 39.97 20.49
C LEU B 320 26.67 39.01 20.18
N LEU B 321 26.88 38.12 19.21
CA LEU B 321 25.90 37.10 18.73
C LEU B 321 26.69 35.79 18.51
N THR B 322 26.19 34.70 19.10
CA THR B 322 26.81 33.34 19.16
C THR B 322 26.00 32.41 18.26
N THR B 323 26.54 32.07 17.07
CA THR B 323 25.96 31.06 16.13
C THR B 323 26.67 29.73 16.27
N VAL B 324 25.93 28.63 16.15
CA VAL B 324 26.50 27.25 16.07
C VAL B 324 26.17 26.66 14.70
N GLY B 325 26.85 25.57 14.35
CA GLY B 325 26.61 24.80 13.11
C GLY B 325 26.79 23.31 13.32
N TRP B 326 26.65 22.54 12.23
CA TRP B 326 26.89 21.07 12.21
C TRP B 326 28.40 20.81 12.06
N ASP B 327 29.18 21.86 11.75
CA ASP B 327 30.66 21.83 11.71
C ASP B 327 31.25 21.86 13.12
N HIS B 328 30.43 21.71 14.17
CA HIS B 328 30.84 21.66 15.61
C HIS B 328 31.54 22.96 16.01
N GLN B 329 31.35 24.03 15.24
CA GLN B 329 31.91 25.38 15.53
C GLN B 329 30.90 26.17 16.38
N VAL B 330 31.42 26.97 17.31
CA VAL B 330 30.66 27.96 18.14
C VAL B 330 31.32 29.32 17.90
N VAL B 331 30.95 30.01 16.82
CA VAL B 331 31.55 31.30 16.38
C VAL B 331 30.82 32.47 17.08
N HIS B 332 31.59 33.45 17.60
CA HIS B 332 31.12 34.70 18.27
C HIS B 332 31.31 35.90 17.33
N HIS B 333 30.20 36.56 16.97
CA HIS B 333 30.12 37.65 15.97
C HIS B 333 29.99 39.00 16.69
N VAL B 334 30.79 39.98 16.29
CA VAL B 334 30.81 41.35 16.84
C VAL B 334 30.03 42.22 15.84
N VAL B 335 28.83 42.67 16.23
CA VAL B 335 27.80 43.17 15.27
C VAL B 335 27.80 44.70 15.29
N PRO B 336 28.25 45.37 14.19
CA PRO B 336 28.24 46.84 14.13
C PRO B 336 26.83 47.45 13.98
CS MTA C . -12.69 -36.27 -17.92
S5' MTA C . -12.11 -34.78 -18.70
C5' MTA C . -12.15 -35.03 -20.45
C4' MTA C . -12.09 -36.50 -20.92
O4' MTA C . -12.89 -36.66 -22.10
C2' MTA C . -10.69 -37.20 -22.78
O2' MTA C . -9.89 -38.31 -23.19
C3' MTA C . -10.70 -37.02 -21.28
O3' MTA C . -10.54 -38.28 -20.63
C1' MTA C . -12.16 -37.39 -23.07
N9 MTA C . -12.45 -36.84 -24.39
C8 MTA C . -12.34 -35.56 -24.74
N7 MTA C . -12.68 -35.39 -26.03
C5 MTA C . -13.02 -36.58 -26.52
C6 MTA C . -13.49 -37.12 -27.80
N6 MTA C . -13.67 -36.32 -28.87
N1 MTA C . -13.75 -38.44 -27.90
C2 MTA C . -13.59 -39.26 -26.83
N3 MTA C . -13.15 -38.84 -25.63
C4 MTA C . -12.88 -37.54 -25.42
C4 A1AAR D . -6.61 -28.70 -12.59
C5 A1AAR D . -7.17 -27.86 -13.75
C7 A1AAR D . -7.65 -26.03 -12.07
C8 A1AAR D . -9.26 -26.55 -13.80
C10 A1AAR D . -9.82 -27.26 -14.99
N12 A1AAR D . -10.70 -28.27 -14.76
C13 A1AAR D . -11.34 -29.00 -15.77
C20 A1AAR D . -12.18 -30.07 -15.42
C21 A1AAR D . -6.09 -27.25 -14.62
C22 A1AAR D . -4.77 -27.70 -14.59
C24 A1AAR D . -4.17 -26.14 -16.29
C26 A1AAR D . -5.49 -25.69 -16.35
C1 A1AAR D . -8.48 -27.84 -10.54
C2 A1AAR D . -7.28 -26.97 -10.93
C3 A1AAR D . -6.12 -27.81 -11.45
N6 A1AAR D . -8.06 -26.81 -13.23
O9 A1AAR D . -9.96 -25.67 -13.34
O11 A1AAR D . -9.46 -26.88 -16.11
C14 A1AAR D . -11.23 -28.67 -17.12
N15 A1AAR D . -11.87 -29.37 -18.04
C16 A1AAR D . -12.65 -30.39 -17.75
N17 A1AAR D . -13.30 -31.08 -18.76
C18 A1AAR D . -12.83 -30.76 -16.42
C19 A1AAR D . -13.72 -31.92 -16.13
C23 A1AAR D . -3.81 -27.14 -15.41
O25 A1AAR D . -3.21 -25.62 -17.09
C27 A1AAR D . -6.43 -26.25 -15.51
CL CL E . 15.94 -2.59 -2.01
CL CL F . -12.50 -38.25 -15.15
C1 GOL G . 13.85 -5.59 -13.65
O1 GOL G . 14.68 -5.32 -12.51
C2 GOL G . 12.88 -4.46 -13.90
O2 GOL G . 11.57 -4.79 -13.43
C3 GOL G . 12.83 -4.07 -15.37
O3 GOL G . 14.13 -3.88 -15.90
#